data_1OWB
#
_entry.id   1OWB
#
_cell.length_a   165.001
_cell.length_b   165.001
_cell.length_c   157.774
_cell.angle_alpha   90.00
_cell.angle_beta   90.00
_cell.angle_gamma   120.00
#
_symmetry.space_group_name_H-M   'H 3'
#
loop_
_entity.id
_entity.type
_entity.pdbx_description
1 polymer 'Citrate synthase'
2 non-polymer 'SULFATE ION'
3 non-polymer NICOTINAMIDE-ADENINE-DINUCLEOTIDE
4 water water
#
_entity_poly.entity_id   1
_entity_poly.type   'polypeptide(L)'
_entity_poly.pdbx_seq_one_letter_code
;MADTKAKLTLNGDTAVELDVLKGTLGQDVIDIRTLGSKGVFTFDPGFTSTASCESKITFIDGDEGILLHRGFPIDQLATD
SNYLEVCYILLNGEKPTQEQYDEFKTTVTLHTMIHEQITRLFHAFRRDSHPMAVMCGITGALAAFYHDSLDVNNPRHREI
AAFRLLSKMPTMAAMCYKYSIGQPFVYPRNDLSYAGNFLNMMFSTPCEPYEVNPILERAMDRILILHADHEQNASTSTVR
TAGSSGANPFACIAAGIASLWGPAHGGANEAALKMLEEISSVKHIPEFFRRAKDKNDSFRLMGFGHRVYKNYDPRATVMR
ETCHEVLKELGTKDDLLEVAMELENIALNDPYFIEKKLYPNVDFYSGIILKAMGIPSSMFTVIFAMARTVGWIAHWSEMH
SDGMKIARPRQLYTGYEKRDFKSDIKR
;
_entity_poly.pdbx_strand_id   A,B
#
# COMPACT_ATOMS: atom_id res chain seq x y z
N ALA A 2 -27.77 26.29 3.12
CA ALA A 2 -27.81 25.10 4.01
C ALA A 2 -29.21 24.83 4.55
N ASP A 3 -29.96 23.95 3.85
CA ASP A 3 -31.32 23.60 4.23
C ASP A 3 -31.28 22.92 5.61
N THR A 4 -31.36 21.59 5.63
CA THR A 4 -31.30 20.83 6.87
C THR A 4 -29.87 20.29 7.01
N LYS A 5 -28.93 21.01 6.40
CA LYS A 5 -27.50 20.68 6.41
C LYS A 5 -26.87 20.88 7.79
N ALA A 6 -27.69 20.76 8.83
CA ALA A 6 -27.23 20.92 10.19
C ALA A 6 -27.33 19.61 10.98
N LYS A 7 -28.37 18.81 10.71
CA LYS A 7 -28.56 17.55 11.42
C LYS A 7 -29.65 16.63 10.87
N LEU A 8 -29.58 15.35 11.26
CA LEU A 8 -30.53 14.31 10.88
C LEU A 8 -30.46 13.18 11.92
N THR A 9 -31.30 12.15 11.79
CA THR A 9 -31.30 11.09 12.78
C THR A 9 -31.32 9.63 12.31
N LEU A 10 -30.53 8.81 13.01
CA LEU A 10 -30.45 7.38 12.74
C LEU A 10 -31.26 6.71 13.85
N ASN A 11 -32.17 5.83 13.47
CA ASN A 11 -33.01 5.15 14.44
C ASN A 11 -32.80 3.64 14.53
N GLY A 12 -32.04 3.21 15.52
CA GLY A 12 -31.77 1.79 15.73
C GLY A 12 -32.69 1.30 16.85
N ASP A 13 -32.38 1.74 18.07
CA ASP A 13 -33.16 1.42 19.28
C ASP A 13 -33.40 2.71 20.05
N THR A 14 -32.57 3.70 19.76
CA THR A 14 -32.63 5.04 20.36
C THR A 14 -32.38 6.03 19.22
N ALA A 15 -33.21 7.06 19.11
CA ALA A 15 -33.09 8.07 18.07
C ALA A 15 -31.84 8.95 18.19
N VAL A 16 -30.72 8.47 17.68
CA VAL A 16 -29.44 9.19 17.71
C VAL A 16 -29.36 10.24 16.61
N GLU A 17 -29.07 11.48 17.00
CA GLU A 17 -28.95 12.59 16.05
C GLU A 17 -27.53 12.61 15.48
N LEU A 18 -27.45 12.90 14.17
CA LEU A 18 -26.16 12.96 13.47
C LEU A 18 -26.08 14.24 12.63
N ASP A 19 -25.05 15.05 12.90
CA ASP A 19 -24.87 16.30 12.17
C ASP A 19 -24.61 16.07 10.69
N VAL A 20 -25.34 16.81 9.85
CA VAL A 20 -25.12 16.72 8.41
C VAL A 20 -24.05 17.77 8.11
N LEU A 21 -22.90 17.30 7.63
CA LEU A 21 -21.79 18.18 7.29
C LEU A 21 -21.87 18.57 5.83
N LYS A 22 -21.68 19.86 5.57
CA LYS A 22 -21.75 20.39 4.22
C LYS A 22 -20.39 20.61 3.56
N GLY A 23 -20.38 20.57 2.23
CA GLY A 23 -19.15 20.80 1.48
C GLY A 23 -19.28 22.08 0.67
N THR A 24 -18.20 22.51 0.02
CA THR A 24 -18.25 23.72 -0.80
C THR A 24 -18.78 23.40 -2.19
N LEU A 25 -18.70 22.12 -2.55
CA LEU A 25 -19.18 21.59 -3.83
C LEU A 25 -19.50 20.11 -3.60
N GLY A 26 -20.35 19.54 -4.45
CA GLY A 26 -20.70 18.14 -4.31
C GLY A 26 -21.71 17.81 -3.23
N GLN A 27 -21.69 16.54 -2.80
CA GLN A 27 -22.61 16.05 -1.78
C GLN A 27 -22.26 16.39 -0.32
N ASP A 28 -23.28 16.32 0.53
CA ASP A 28 -23.14 16.54 1.96
C ASP A 28 -22.91 15.16 2.57
N VAL A 29 -22.37 15.16 3.79
CA VAL A 29 -22.07 13.92 4.47
C VAL A 29 -22.61 13.88 5.90
N ILE A 30 -23.05 12.69 6.33
CA ILE A 30 -23.54 12.52 7.69
C ILE A 30 -22.38 12.05 8.58
N ASP A 31 -22.01 12.90 9.53
CA ASP A 31 -20.92 12.64 10.46
C ASP A 31 -21.29 11.47 11.38
N ILE A 32 -20.77 10.28 11.06
CA ILE A 32 -21.04 9.08 11.85
C ILE A 32 -19.83 8.65 12.69
N ARG A 33 -18.84 9.54 12.81
CA ARG A 33 -17.62 9.24 13.57
C ARG A 33 -17.86 8.91 15.03
N THR A 34 -19.07 9.21 15.51
CA THR A 34 -19.44 8.95 16.90
C THR A 34 -20.22 7.65 17.11
N LEU A 35 -20.81 7.12 16.04
CA LEU A 35 -21.58 5.87 16.12
C LEU A 35 -20.79 4.71 16.73
N GLY A 36 -19.51 4.65 16.43
CA GLY A 36 -18.66 3.59 16.94
C GLY A 36 -18.74 3.42 18.44
N SER A 37 -18.57 4.52 19.16
CA SER A 37 -18.62 4.52 20.62
C SER A 37 -19.98 4.02 21.14
N LYS A 38 -21.04 4.30 20.39
CA LYS A 38 -22.39 3.88 20.77
C LYS A 38 -22.65 2.41 20.39
N GLY A 39 -21.63 1.75 19.85
CA GLY A 39 -21.78 0.36 19.45
C GLY A 39 -22.54 0.20 18.14
N VAL A 40 -22.61 1.29 17.38
CA VAL A 40 -23.30 1.29 16.09
C VAL A 40 -22.29 1.44 14.95
N PHE A 41 -22.27 0.49 14.03
CA PHE A 41 -21.34 0.52 12.91
C PHE A 41 -22.04 0.26 11.59
N THR A 42 -21.54 0.90 10.54
CA THR A 42 -22.09 0.71 9.20
C THR A 42 -21.37 -0.46 8.54
N PHE A 43 -21.79 -0.78 7.31
CA PHE A 43 -21.22 -1.85 6.51
C PHE A 43 -21.12 -1.30 5.09
N ASP A 44 -19.91 -1.16 4.57
CA ASP A 44 -19.72 -0.59 3.25
C ASP A 44 -18.47 -1.07 2.51
N PRO A 45 -18.48 -2.35 2.04
CA PRO A 45 -17.33 -2.89 1.30
C PRO A 45 -17.11 -2.06 0.04
N GLY A 46 -15.93 -1.47 -0.10
CA GLY A 46 -15.63 -0.67 -1.27
C GLY A 46 -15.72 0.82 -0.99
N PHE A 47 -16.38 1.18 0.12
CA PHE A 47 -16.55 2.57 0.56
C PHE A 47 -17.23 3.50 -0.44
N THR A 48 -18.17 2.97 -1.21
CA THR A 48 -18.86 3.79 -2.22
C THR A 48 -19.93 4.74 -1.63
N SER A 49 -20.07 4.74 -0.31
CA SER A 49 -21.02 5.61 0.37
C SER A 49 -20.34 6.22 1.60
N THR A 50 -19.05 5.97 1.73
CA THR A 50 -18.25 6.46 2.85
C THR A 50 -17.20 7.50 2.48
N ALA A 51 -17.36 8.71 3.02
CA ALA A 51 -16.39 9.77 2.77
C ALA A 51 -15.21 9.42 3.67
N SER A 52 -14.15 8.91 3.07
CA SER A 52 -12.95 8.51 3.79
C SER A 52 -12.18 9.66 4.43
N CYS A 53 -12.51 10.89 4.05
CA CYS A 53 -11.81 12.05 4.58
C CYS A 53 -12.44 13.36 4.15
N GLU A 54 -11.80 14.44 4.54
CA GLU A 54 -12.20 15.79 4.17
C GLU A 54 -11.04 16.23 3.26
N SER A 55 -11.36 16.66 2.05
CA SER A 55 -10.32 17.07 1.11
C SER A 55 -10.62 18.39 0.43
N LYS A 56 -9.55 19.08 0.02
CA LYS A 56 -9.63 20.38 -0.65
C LYS A 56 -8.82 20.37 -1.95
N ILE A 57 -8.17 19.25 -2.25
CA ILE A 57 -7.29 19.13 -3.42
C ILE A 57 -7.98 19.06 -4.79
N THR A 58 -8.82 18.05 -4.97
CA THR A 58 -9.50 17.82 -6.23
C THR A 58 -10.99 17.60 -6.04
N PHE A 59 -11.77 18.10 -6.99
CA PHE A 59 -13.22 17.95 -6.98
C PHE A 59 -13.68 17.38 -8.32
N ILE A 60 -14.62 16.44 -8.25
CA ILE A 60 -15.15 15.80 -9.44
C ILE A 60 -16.69 15.69 -9.42
N ASP A 61 -17.30 16.08 -10.54
CA ASP A 61 -18.74 15.99 -10.74
C ASP A 61 -18.73 15.04 -11.95
N GLY A 62 -18.81 13.75 -11.65
CA GLY A 62 -18.77 12.71 -12.67
C GLY A 62 -19.74 12.79 -13.82
N ASP A 63 -20.98 13.14 -13.53
CA ASP A 63 -22.02 13.25 -14.55
C ASP A 63 -21.81 14.49 -15.41
N GLU A 64 -21.47 15.59 -14.76
CA GLU A 64 -21.25 16.86 -15.46
C GLU A 64 -19.82 17.08 -15.98
N GLY A 65 -19.02 16.02 -15.94
CA GLY A 65 -17.64 16.07 -16.41
C GLY A 65 -16.79 17.19 -15.85
N ILE A 66 -16.86 17.40 -14.55
CA ILE A 66 -16.09 18.45 -13.89
C ILE A 66 -14.88 17.87 -13.17
N LEU A 67 -13.72 18.48 -13.39
CA LEU A 67 -12.49 18.09 -12.74
C LEU A 67 -11.76 19.38 -12.39
N LEU A 68 -11.68 19.67 -11.10
CA LEU A 68 -11.02 20.89 -10.62
C LEU A 68 -9.83 20.56 -9.71
N HIS A 69 -8.72 21.27 -9.90
CA HIS A 69 -7.55 21.09 -9.06
C HIS A 69 -7.39 22.41 -8.33
N ARG A 70 -7.68 22.38 -7.03
CA ARG A 70 -7.63 23.58 -6.18
C ARG A 70 -8.61 24.61 -6.73
N GLY A 71 -9.72 24.10 -7.28
CA GLY A 71 -10.76 24.94 -7.86
C GLY A 71 -10.56 25.25 -9.33
N PHE A 72 -9.31 25.27 -9.78
CA PHE A 72 -8.97 25.57 -11.17
C PHE A 72 -9.34 24.44 -12.12
N PRO A 73 -10.07 24.76 -13.21
CA PRO A 73 -10.49 23.76 -14.20
C PRO A 73 -9.29 23.10 -14.88
N ILE A 74 -9.41 21.80 -15.16
CA ILE A 74 -8.33 21.05 -15.81
C ILE A 74 -8.00 21.60 -17.20
N ASP A 75 -9.02 22.05 -17.93
CA ASP A 75 -8.80 22.59 -19.28
C ASP A 75 -7.87 23.79 -19.30
N GLN A 76 -8.02 24.67 -18.32
CA GLN A 76 -7.20 25.87 -18.22
C GLN A 76 -5.79 25.56 -17.77
N LEU A 77 -5.64 24.50 -16.97
CA LEU A 77 -4.33 24.09 -16.50
C LEU A 77 -3.57 23.37 -17.60
N ALA A 78 -4.27 22.50 -18.32
CA ALA A 78 -3.67 21.72 -19.41
C ALA A 78 -3.26 22.62 -20.57
N THR A 79 -3.95 23.74 -20.74
CA THR A 79 -3.61 24.67 -21.81
C THR A 79 -2.70 25.83 -21.38
N ASP A 80 -3.03 26.49 -20.26
CA ASP A 80 -2.26 27.64 -19.77
C ASP A 80 -1.05 27.38 -18.87
N SER A 81 -1.21 26.49 -17.90
CA SER A 81 -0.15 26.16 -16.94
C SER A 81 0.83 25.10 -17.44
N ASN A 82 1.91 24.91 -16.69
CA ASN A 82 2.90 23.89 -17.02
C ASN A 82 2.89 22.88 -15.86
N TYR A 83 3.51 21.72 -16.03
CA TYR A 83 3.51 20.70 -14.98
C TYR A 83 3.96 21.20 -13.60
N LEU A 84 5.13 21.81 -13.54
CA LEU A 84 5.65 22.29 -12.27
C LEU A 84 4.75 23.29 -11.55
N GLU A 85 4.05 24.13 -12.31
CA GLU A 85 3.13 25.08 -11.69
C GLU A 85 1.96 24.32 -11.09
N VAL A 86 1.46 23.31 -11.80
CA VAL A 86 0.36 22.50 -11.32
C VAL A 86 0.78 21.78 -10.04
N CYS A 87 2.03 21.31 -10.01
CA CYS A 87 2.59 20.65 -8.83
C CYS A 87 2.50 21.61 -7.64
N TYR A 88 2.98 22.83 -7.85
CA TYR A 88 2.95 23.86 -6.82
C TYR A 88 1.50 24.12 -6.37
N ILE A 89 0.60 24.26 -7.34
CA ILE A 89 -0.81 24.52 -7.05
C ILE A 89 -1.44 23.45 -6.16
N LEU A 90 -1.29 22.19 -6.54
CA LEU A 90 -1.84 21.06 -5.78
C LEU A 90 -1.22 20.98 -4.38
N LEU A 91 0.09 21.18 -4.30
CA LEU A 91 0.83 21.11 -3.03
C LEU A 91 0.64 22.30 -2.09
N ASN A 92 0.57 23.50 -2.65
CA ASN A 92 0.42 24.72 -1.84
C ASN A 92 -0.93 25.42 -1.93
N GLY A 93 -1.83 24.88 -2.76
CA GLY A 93 -3.17 25.44 -2.91
C GLY A 93 -3.37 26.71 -3.68
N GLU A 94 -2.32 27.22 -4.32
CA GLU A 94 -2.41 28.47 -5.08
C GLU A 94 -1.36 28.53 -6.16
N LYS A 95 -1.64 29.32 -7.20
CA LYS A 95 -0.69 29.51 -8.30
C LYS A 95 0.45 30.33 -7.70
N PRO A 96 1.69 29.91 -7.96
CA PRO A 96 2.89 30.58 -7.45
C PRO A 96 3.16 31.98 -7.99
N THR A 97 3.84 32.80 -7.17
CA THR A 97 4.27 34.12 -7.60
C THR A 97 5.52 33.77 -8.43
N GLN A 98 6.02 34.70 -9.23
CA GLN A 98 7.21 34.41 -10.04
C GLN A 98 8.33 33.94 -9.11
N GLU A 99 8.49 34.64 -7.99
CA GLU A 99 9.52 34.31 -7.02
C GLU A 99 9.29 32.92 -6.41
N GLN A 100 8.06 32.63 -5.98
CA GLN A 100 7.73 31.32 -5.40
C GLN A 100 7.93 30.20 -6.42
N TYR A 101 7.65 30.52 -7.68
CA TYR A 101 7.80 29.56 -8.76
C TYR A 101 9.27 29.34 -9.04
N ASP A 102 10.04 30.43 -9.04
CA ASP A 102 11.49 30.36 -9.29
C ASP A 102 12.12 29.42 -8.27
N GLU A 103 11.86 29.67 -6.99
CA GLU A 103 12.39 28.86 -5.90
C GLU A 103 11.93 27.40 -5.94
N PHE A 104 10.70 27.17 -6.38
CA PHE A 104 10.15 25.82 -6.48
C PHE A 104 10.85 25.04 -7.60
N LYS A 105 10.95 25.66 -8.78
CA LYS A 105 11.59 25.08 -9.95
C LYS A 105 13.07 24.79 -9.68
N THR A 106 13.72 25.72 -8.99
CA THR A 106 15.13 25.59 -8.64
C THR A 106 15.39 24.38 -7.75
N THR A 107 14.54 24.17 -6.76
CA THR A 107 14.68 23.04 -5.84
C THR A 107 14.49 21.72 -6.59
N VAL A 108 13.52 21.70 -7.49
CA VAL A 108 13.24 20.52 -8.29
C VAL A 108 14.43 20.19 -9.19
N THR A 109 14.95 21.19 -9.88
CA THR A 109 16.08 21.00 -10.78
C THR A 109 17.35 20.44 -10.13
N LEU A 110 17.67 20.92 -8.92
CA LEU A 110 18.88 20.49 -8.23
C LEU A 110 18.81 19.23 -7.37
N HIS A 111 17.84 18.37 -7.64
CA HIS A 111 17.70 17.11 -6.90
C HIS A 111 17.20 15.98 -7.81
N THR A 112 17.37 16.18 -9.12
CA THR A 112 16.95 15.23 -10.13
C THR A 112 17.85 14.00 -10.26
N MET A 113 19.16 14.18 -10.02
CA MET A 113 20.11 13.08 -10.12
C MET A 113 20.05 12.25 -8.82
N ILE A 114 19.89 10.94 -8.96
CA ILE A 114 19.80 10.04 -7.80
C ILE A 114 21.17 9.57 -7.29
N HIS A 115 21.21 9.15 -6.04
CA HIS A 115 22.45 8.66 -5.43
C HIS A 115 22.97 7.52 -6.30
N GLU A 116 24.25 7.58 -6.64
CA GLU A 116 24.85 6.55 -7.48
C GLU A 116 24.65 5.11 -6.98
N GLN A 117 24.55 4.93 -5.67
CA GLN A 117 24.33 3.58 -5.13
C GLN A 117 22.95 3.05 -5.51
N ILE A 118 21.97 3.96 -5.63
CA ILE A 118 20.62 3.60 -6.02
C ILE A 118 20.66 3.14 -7.48
N THR A 119 21.45 3.84 -8.29
CA THR A 119 21.60 3.51 -9.70
C THR A 119 22.03 2.06 -9.90
N ARG A 120 22.88 1.53 -9.02
CA ARG A 120 23.34 0.16 -9.15
C ARG A 120 22.28 -0.91 -8.90
N LEU A 121 21.13 -0.52 -8.35
CA LEU A 121 20.02 -1.46 -8.10
C LEU A 121 19.41 -1.97 -9.41
N PHE A 122 19.26 -1.08 -10.39
CA PHE A 122 18.70 -1.43 -11.69
C PHE A 122 19.43 -2.60 -12.31
N HIS A 123 20.75 -2.60 -12.15
CA HIS A 123 21.63 -3.64 -12.71
C HIS A 123 21.50 -5.05 -12.13
N ALA A 124 20.72 -5.20 -11.06
CA ALA A 124 20.51 -6.51 -10.43
C ALA A 124 19.21 -7.13 -10.96
N PHE A 125 18.41 -6.32 -11.64
CA PHE A 125 17.16 -6.79 -12.25
C PHE A 125 17.49 -7.42 -13.59
N ARG A 126 16.60 -8.26 -14.08
CA ARG A 126 16.81 -8.90 -15.37
C ARG A 126 16.55 -7.86 -16.46
N ARG A 127 17.38 -7.86 -17.51
CA ARG A 127 17.25 -6.91 -18.61
C ARG A 127 15.88 -7.03 -19.27
N ASP A 128 15.27 -8.20 -19.12
CA ASP A 128 13.96 -8.51 -19.69
C ASP A 128 12.77 -8.17 -18.78
N SER A 129 13.04 -7.58 -17.63
CA SER A 129 11.98 -7.21 -16.69
C SER A 129 11.06 -6.14 -17.28
N HIS A 130 9.78 -6.17 -16.88
CA HIS A 130 8.81 -5.18 -17.34
C HIS A 130 9.24 -3.89 -16.63
N PRO A 131 9.52 -2.80 -17.40
CA PRO A 131 9.94 -1.54 -16.80
C PRO A 131 9.11 -1.05 -15.61
N MET A 132 7.82 -1.42 -15.57
CA MET A 132 6.96 -1.02 -14.46
C MET A 132 7.27 -1.80 -13.19
N ALA A 133 7.66 -3.06 -13.34
CA ALA A 133 8.01 -3.89 -12.18
C ALA A 133 9.35 -3.43 -11.60
N VAL A 134 10.22 -2.91 -12.46
CA VAL A 134 11.51 -2.38 -12.04
C VAL A 134 11.27 -1.05 -11.34
N MET A 135 10.31 -0.28 -11.85
CA MET A 135 9.96 1.02 -11.28
C MET A 135 9.45 0.84 -9.84
N CYS A 136 8.58 -0.15 -9.65
CA CYS A 136 8.04 -0.45 -8.32
C CYS A 136 9.18 -0.93 -7.41
N GLY A 137 10.14 -1.63 -8.01
CA GLY A 137 11.28 -2.15 -7.28
C GLY A 137 12.20 -1.06 -6.75
N ILE A 138 12.55 -0.10 -7.61
CA ILE A 138 13.43 0.99 -7.20
C ILE A 138 12.79 1.94 -6.17
N THR A 139 11.52 2.31 -6.41
CA THR A 139 10.79 3.20 -5.50
C THR A 139 10.62 2.62 -4.10
N GLY A 140 10.42 1.29 -4.02
CA GLY A 140 10.27 0.64 -2.74
C GLY A 140 11.61 0.45 -2.05
N ALA A 141 12.68 0.63 -2.82
CA ALA A 141 14.05 0.50 -2.33
C ALA A 141 14.62 1.84 -1.90
N LEU A 142 13.89 2.92 -2.20
CA LEU A 142 14.33 4.27 -1.84
C LEU A 142 14.46 4.53 -0.34
N ALA A 143 13.61 3.90 0.46
CA ALA A 143 13.63 4.06 1.91
C ALA A 143 14.97 3.69 2.57
N ALA A 144 15.61 2.64 2.04
CA ALA A 144 16.90 2.17 2.56
C ALA A 144 18.02 3.20 2.40
N PHE A 145 17.90 4.03 1.37
CA PHE A 145 18.87 5.08 1.06
C PHE A 145 18.52 6.42 1.69
N TYR A 146 17.26 6.82 1.59
CA TYR A 146 16.83 8.09 2.14
C TYR A 146 16.26 7.93 3.53
N HIS A 147 17.01 7.27 4.41
CA HIS A 147 16.59 7.05 5.79
C HIS A 147 16.59 8.34 6.61
N ASP A 148 17.06 9.43 6.01
CA ASP A 148 17.13 10.73 6.67
C ASP A 148 15.87 11.60 6.54
N SER A 149 14.84 11.09 5.85
CA SER A 149 13.59 11.83 5.70
C SER A 149 12.39 10.88 5.73
N LEU A 150 12.39 9.98 6.71
CA LEU A 150 11.32 9.00 6.87
C LEU A 150 10.37 9.33 8.01
N ASP A 151 10.59 10.45 8.70
CA ASP A 151 9.74 10.87 9.81
C ASP A 151 8.58 11.67 9.25
N VAL A 152 7.50 10.93 9.00
CA VAL A 152 6.27 11.45 8.46
C VAL A 152 5.68 12.62 9.27
N ASN A 153 5.92 12.62 10.57
CA ASN A 153 5.42 13.67 11.45
C ASN A 153 6.35 14.89 11.50
N ASN A 154 7.54 14.74 10.90
CA ASN A 154 8.51 15.83 10.85
C ASN A 154 8.28 16.63 9.58
N PRO A 155 7.88 17.91 9.73
CA PRO A 155 7.62 18.82 8.62
C PRO A 155 8.70 18.93 7.53
N ARG A 156 9.97 18.99 7.94
CA ARG A 156 11.07 19.09 6.98
C ARG A 156 11.29 17.77 6.22
N HIS A 157 11.00 16.65 6.88
CA HIS A 157 11.14 15.34 6.25
C HIS A 157 10.11 15.19 5.16
N ARG A 158 8.90 15.68 5.41
CA ARG A 158 7.82 15.63 4.43
C ARG A 158 8.22 16.46 3.19
N GLU A 159 8.83 17.61 3.44
CA GLU A 159 9.26 18.51 2.38
C GLU A 159 10.35 17.91 1.50
N ILE A 160 11.42 17.43 2.14
CA ILE A 160 12.54 16.82 1.45
C ILE A 160 12.09 15.59 0.66
N ALA A 161 11.23 14.78 1.28
CA ALA A 161 10.71 13.58 0.65
C ALA A 161 9.82 13.95 -0.53
N ALA A 162 9.18 15.11 -0.44
CA ALA A 162 8.30 15.57 -1.50
C ALA A 162 9.15 15.95 -2.72
N PHE A 163 10.19 16.76 -2.49
CA PHE A 163 11.09 17.20 -3.55
C PHE A 163 11.95 16.06 -4.10
N ARG A 164 12.29 15.11 -3.24
CA ARG A 164 13.08 13.96 -3.68
C ARG A 164 12.27 13.17 -4.69
N LEU A 165 11.03 12.83 -4.33
CA LEU A 165 10.14 12.07 -5.22
C LEU A 165 9.82 12.82 -6.50
N LEU A 166 9.49 14.10 -6.39
CA LEU A 166 9.16 14.93 -7.54
C LEU A 166 10.32 15.01 -8.54
N SER A 167 11.51 15.34 -8.05
CA SER A 167 12.70 15.46 -8.90
C SER A 167 13.21 14.17 -9.54
N LYS A 168 13.23 13.09 -8.76
CA LYS A 168 13.77 11.82 -9.20
C LYS A 168 12.89 10.82 -9.95
N MET A 169 11.57 10.90 -9.80
CA MET A 169 10.67 9.96 -10.50
C MET A 169 10.92 9.88 -12.00
N PRO A 170 11.04 11.04 -12.68
CA PRO A 170 11.29 11.00 -14.12
C PRO A 170 12.69 10.49 -14.45
N THR A 171 13.62 10.69 -13.52
CA THR A 171 14.99 10.24 -13.66
C THR A 171 14.97 8.71 -13.65
N MET A 172 14.28 8.18 -12.65
CA MET A 172 14.14 6.74 -12.44
C MET A 172 13.30 6.06 -13.50
N ALA A 173 12.27 6.75 -13.99
CA ALA A 173 11.38 6.21 -15.02
C ALA A 173 12.11 6.08 -16.38
N ALA A 174 12.95 7.08 -16.68
CA ALA A 174 13.72 7.09 -17.91
C ALA A 174 14.81 6.03 -17.85
N MET A 175 15.30 5.76 -16.64
CA MET A 175 16.33 4.74 -16.42
C MET A 175 15.75 3.34 -16.66
N CYS A 176 14.50 3.15 -16.27
CA CYS A 176 13.79 1.87 -16.46
C CYS A 176 13.70 1.54 -17.94
N TYR A 177 13.29 2.53 -18.72
CA TYR A 177 13.17 2.37 -20.17
C TYR A 177 14.54 2.08 -20.77
N LYS A 178 15.53 2.91 -20.45
CA LYS A 178 16.89 2.72 -20.97
C LYS A 178 17.41 1.32 -20.63
N TYR A 179 17.12 0.87 -19.42
CA TYR A 179 17.56 -0.45 -18.98
C TYR A 179 16.87 -1.55 -19.78
N SER A 180 15.60 -1.32 -20.13
CA SER A 180 14.82 -2.30 -20.89
C SER A 180 15.21 -2.44 -22.36
N ILE A 181 15.94 -1.46 -22.90
CA ILE A 181 16.36 -1.49 -24.30
C ILE A 181 17.89 -1.60 -24.46
N GLY A 182 18.60 -1.64 -23.35
CA GLY A 182 20.05 -1.77 -23.39
C GLY A 182 20.85 -0.55 -23.81
N GLN A 183 20.30 0.64 -23.54
CA GLN A 183 20.97 1.89 -23.85
C GLN A 183 21.45 2.51 -22.54
N PRO A 184 22.59 3.22 -22.57
CA PRO A 184 23.11 3.85 -21.36
C PRO A 184 22.19 4.87 -20.68
N PHE A 185 22.23 4.90 -19.35
CA PHE A 185 21.42 5.86 -18.58
C PHE A 185 21.86 7.26 -18.97
N VAL A 186 20.91 8.18 -18.97
CA VAL A 186 21.21 9.57 -19.31
C VAL A 186 21.09 10.39 -18.02
N TYR A 187 22.05 11.29 -17.83
CA TYR A 187 22.05 12.15 -16.65
C TYR A 187 21.12 13.33 -16.88
N PRO A 188 20.54 13.86 -15.80
CA PRO A 188 19.64 15.01 -15.95
C PRO A 188 20.40 16.20 -16.56
N ARG A 189 19.64 17.16 -17.08
CA ARG A 189 20.20 18.35 -17.70
C ARG A 189 19.59 19.52 -16.95
N ASN A 190 20.43 20.24 -16.21
CA ASN A 190 19.96 21.39 -15.43
C ASN A 190 19.43 22.56 -16.25
N ASP A 191 19.74 22.55 -17.54
CA ASP A 191 19.30 23.61 -18.44
C ASP A 191 17.98 23.29 -19.12
N LEU A 192 17.58 22.03 -19.08
CA LEU A 192 16.33 21.60 -19.69
C LEU A 192 15.12 21.75 -18.77
N SER A 193 13.92 21.76 -19.36
CA SER A 193 12.70 21.86 -18.57
C SER A 193 12.38 20.47 -18.01
N TYR A 194 11.38 20.39 -17.14
CA TYR A 194 10.99 19.12 -16.55
C TYR A 194 10.62 18.09 -17.63
N ALA A 195 9.75 18.48 -18.58
CA ALA A 195 9.30 17.61 -19.67
C ALA A 195 10.36 17.34 -20.74
N GLY A 196 11.12 18.38 -21.11
CA GLY A 196 12.17 18.22 -22.10
C GLY A 196 13.28 17.35 -21.54
N ASN A 197 13.58 17.52 -20.25
CA ASN A 197 14.61 16.72 -19.58
C ASN A 197 14.18 15.25 -19.59
N PHE A 198 12.89 15.00 -19.38
CA PHE A 198 12.38 13.63 -19.39
C PHE A 198 12.60 12.99 -20.77
N LEU A 199 12.29 13.74 -21.82
CA LEU A 199 12.45 13.25 -23.18
C LEU A 199 13.92 12.98 -23.47
N ASN A 200 14.80 13.86 -23.02
CA ASN A 200 16.23 13.69 -23.23
C ASN A 200 16.73 12.40 -22.54
N MET A 201 16.31 12.18 -21.30
CA MET A 201 16.72 10.98 -20.56
C MET A 201 16.13 9.70 -21.18
N MET A 202 14.97 9.84 -21.82
CA MET A 202 14.31 8.72 -22.47
C MET A 202 14.93 8.31 -23.81
N PHE A 203 15.20 9.29 -24.66
CA PHE A 203 15.68 9.02 -26.02
C PHE A 203 17.13 9.26 -26.50
N SER A 204 17.84 10.21 -25.90
CA SER A 204 19.22 10.50 -26.35
C SER A 204 20.26 9.41 -26.05
N THR A 205 21.36 9.44 -26.81
CA THR A 205 22.49 8.52 -26.64
C THR A 205 23.75 9.37 -26.63
N PRO A 206 24.90 8.78 -26.26
CA PRO A 206 26.14 9.57 -26.24
C PRO A 206 26.67 9.77 -27.66
N CYS A 207 26.09 9.03 -28.60
CA CYS A 207 26.50 9.03 -29.99
C CYS A 207 26.26 10.30 -30.80
N GLU A 208 25.13 10.96 -30.56
CA GLU A 208 24.83 12.21 -31.25
C GLU A 208 24.02 13.15 -30.37
N PRO A 209 24.03 14.45 -30.70
CA PRO A 209 23.27 15.44 -29.91
C PRO A 209 21.78 15.23 -30.05
N TYR A 210 21.06 15.39 -28.95
CA TYR A 210 19.63 15.23 -28.98
C TYR A 210 19.00 16.61 -28.81
N GLU A 211 18.14 16.94 -29.76
CA GLU A 211 17.43 18.21 -29.76
C GLU A 211 15.97 17.91 -29.52
N VAL A 212 15.44 18.42 -28.41
CA VAL A 212 14.06 18.20 -28.02
C VAL A 212 13.07 19.00 -28.88
N ASN A 213 12.09 18.31 -29.43
CA ASN A 213 11.06 18.94 -30.24
C ASN A 213 10.12 19.68 -29.28
N PRO A 214 10.00 21.01 -29.43
CA PRO A 214 9.15 21.86 -28.60
C PRO A 214 7.68 21.41 -28.57
N ILE A 215 7.22 20.79 -29.66
CA ILE A 215 5.85 20.28 -29.78
C ILE A 215 5.67 19.01 -28.96
N LEU A 216 6.66 18.13 -29.00
CA LEU A 216 6.62 16.89 -28.23
C LEU A 216 6.90 17.23 -26.76
N GLU A 217 7.66 18.30 -26.53
CA GLU A 217 7.99 18.77 -25.18
C GLU A 217 6.72 19.22 -24.46
N ARG A 218 5.87 19.96 -25.18
CA ARG A 218 4.62 20.43 -24.63
C ARG A 218 3.63 19.27 -24.51
N ALA A 219 3.63 18.38 -25.50
CA ALA A 219 2.76 17.22 -25.49
C ALA A 219 3.01 16.37 -24.23
N MET A 220 4.27 16.17 -23.90
CA MET A 220 4.64 15.39 -22.71
C MET A 220 4.29 16.17 -21.45
N ASP A 221 4.45 17.50 -21.51
CA ASP A 221 4.13 18.35 -20.39
C ASP A 221 2.63 18.20 -20.14
N ARG A 222 1.86 18.15 -21.23
CA ARG A 222 0.42 18.02 -21.13
C ARG A 222 -0.02 16.64 -20.63
N ILE A 223 0.70 15.58 -21.04
CA ILE A 223 0.37 14.23 -20.57
C ILE A 223 0.54 14.17 -19.07
N LEU A 224 1.54 14.89 -18.58
CA LEU A 224 1.84 14.95 -17.17
C LEU A 224 0.80 15.74 -16.39
N ILE A 225 0.47 16.94 -16.86
CA ILE A 225 -0.54 17.77 -16.21
C ILE A 225 -1.87 17.04 -16.14
N LEU A 226 -2.20 16.32 -17.20
CA LEU A 226 -3.46 15.58 -17.27
C LEU A 226 -3.52 14.33 -16.38
N HIS A 227 -2.38 13.97 -15.78
CA HIS A 227 -2.34 12.82 -14.88
C HIS A 227 -1.88 13.19 -13.47
N ALA A 228 -1.79 14.50 -13.21
CA ALA A 228 -1.35 15.01 -11.91
C ALA A 228 -2.08 14.41 -10.72
N ASP A 229 -3.40 14.48 -10.75
CA ASP A 229 -4.20 13.90 -9.67
C ASP A 229 -5.61 13.59 -10.12
N HIS A 230 -6.19 12.54 -9.54
CA HIS A 230 -7.55 12.17 -9.88
C HIS A 230 -8.38 11.80 -8.67
N GLU A 231 -8.40 12.69 -7.69
CA GLU A 231 -9.18 12.53 -6.47
C GLU A 231 -8.92 11.24 -5.64
N GLN A 232 -9.96 10.74 -4.99
CA GLN A 232 -9.86 9.56 -4.12
C GLN A 232 -9.97 8.18 -4.79
N ASN A 233 -9.26 7.95 -5.90
CA ASN A 233 -9.34 6.66 -6.57
C ASN A 233 -8.69 5.54 -5.74
N ALA A 234 -8.75 4.31 -6.26
CA ALA A 234 -8.19 3.14 -5.58
C ALA A 234 -6.72 3.27 -5.16
N SER A 235 -5.87 3.70 -6.08
CA SER A 235 -4.44 3.85 -5.79
C SER A 235 -4.13 4.98 -4.81
N THR A 236 -4.87 6.08 -4.90
CA THR A 236 -4.68 7.20 -3.98
C THR A 236 -5.26 6.81 -2.61
N SER A 237 -6.32 6.01 -2.63
CA SER A 237 -6.93 5.54 -1.40
C SER A 237 -5.92 4.62 -0.71
N THR A 238 -5.17 3.87 -1.51
CA THR A 238 -4.11 2.98 -1.02
C THR A 238 -2.98 3.81 -0.39
N VAL A 239 -2.55 4.85 -1.11
CA VAL A 239 -1.48 5.73 -0.65
C VAL A 239 -1.87 6.36 0.69
N ARG A 240 -3.10 6.89 0.77
CA ARG A 240 -3.59 7.51 1.98
C ARG A 240 -3.64 6.54 3.17
N THR A 241 -4.20 5.36 2.93
CA THR A 241 -4.34 4.33 3.96
C THR A 241 -2.99 3.87 4.52
N ALA A 242 -2.03 3.60 3.64
CA ALA A 242 -0.70 3.17 4.04
C ALA A 242 -0.04 4.31 4.81
N GLY A 243 -0.33 5.54 4.39
CA GLY A 243 0.24 6.71 5.04
C GLY A 243 -0.23 6.90 6.46
N SER A 244 -1.53 6.76 6.69
CA SER A 244 -2.11 6.93 8.02
C SER A 244 -1.53 5.93 9.02
N SER A 245 -1.06 4.79 8.51
CA SER A 245 -0.45 3.77 9.33
C SER A 245 1.07 3.98 9.49
N GLY A 246 1.49 5.23 9.33
CA GLY A 246 2.89 5.61 9.47
C GLY A 246 3.90 5.24 8.39
N ALA A 247 3.51 4.49 7.36
CA ALA A 247 4.45 4.10 6.30
C ALA A 247 5.24 5.28 5.72
N ASN A 248 6.53 5.07 5.47
CA ASN A 248 7.37 6.14 4.94
C ASN A 248 6.87 6.61 3.58
N PRO A 249 7.09 7.90 3.26
CA PRO A 249 6.65 8.46 1.97
C PRO A 249 7.07 7.70 0.72
N PHE A 250 8.26 7.11 0.75
CA PHE A 250 8.75 6.37 -0.41
C PHE A 250 7.97 5.08 -0.64
N ALA A 251 7.62 4.40 0.45
CA ALA A 251 6.85 3.17 0.38
C ALA A 251 5.39 3.46 -0.02
N CYS A 252 4.86 4.60 0.44
CA CYS A 252 3.49 4.99 0.11
C CYS A 252 3.35 5.16 -1.38
N ILE A 253 4.27 5.90 -1.98
CA ILE A 253 4.27 6.14 -3.42
C ILE A 253 4.52 4.82 -4.19
N ALA A 254 5.38 3.95 -3.66
CA ALA A 254 5.65 2.66 -4.29
C ALA A 254 4.38 1.79 -4.31
N ALA A 255 3.59 1.87 -3.24
CA ALA A 255 2.34 1.13 -3.14
C ALA A 255 1.34 1.67 -4.17
N GLY A 256 1.33 3.00 -4.33
CA GLY A 256 0.44 3.64 -5.29
C GLY A 256 0.79 3.22 -6.70
N ILE A 257 2.07 3.18 -7.03
CA ILE A 257 2.53 2.78 -8.37
C ILE A 257 2.03 1.37 -8.71
N ALA A 258 2.22 0.45 -7.79
CA ALA A 258 1.80 -0.94 -7.98
C ALA A 258 0.28 -1.07 -8.10
N SER A 259 -0.42 -0.34 -7.23
CA SER A 259 -1.87 -0.33 -7.20
C SER A 259 -2.43 0.28 -8.50
N LEU A 260 -1.64 1.15 -9.14
CA LEU A 260 -2.06 1.80 -10.38
C LEU A 260 -2.07 0.82 -11.56
N TRP A 261 -0.98 0.05 -11.76
CA TRP A 261 -0.95 -0.90 -12.87
C TRP A 261 -1.62 -2.24 -12.54
N GLY A 262 -2.33 -2.26 -11.41
CA GLY A 262 -3.00 -3.47 -10.96
C GLY A 262 -3.82 -4.13 -12.07
N PRO A 263 -4.74 -3.39 -12.70
CA PRO A 263 -5.57 -3.97 -13.77
C PRO A 263 -4.80 -4.42 -15.03
N ALA A 264 -3.60 -3.88 -15.24
CA ALA A 264 -2.79 -4.24 -16.40
C ALA A 264 -2.43 -5.72 -16.41
N HIS A 265 -2.02 -6.24 -15.26
CA HIS A 265 -1.68 -7.65 -15.15
C HIS A 265 -2.86 -8.40 -14.53
N GLY A 266 -4.06 -7.88 -14.81
CA GLY A 266 -5.29 -8.46 -14.28
C GLY A 266 -5.92 -9.56 -15.09
N GLY A 267 -5.10 -10.34 -15.80
CA GLY A 267 -5.57 -11.47 -16.60
C GLY A 267 -6.40 -11.18 -17.83
N ALA A 268 -7.61 -10.67 -17.62
CA ALA A 268 -8.53 -10.33 -18.71
C ALA A 268 -8.11 -9.04 -19.42
N ASN A 269 -7.44 -8.15 -18.68
CA ASN A 269 -6.95 -6.88 -19.22
C ASN A 269 -5.62 -7.01 -19.93
N GLU A 270 -4.77 -7.93 -19.45
CA GLU A 270 -3.45 -8.16 -20.04
C GLU A 270 -3.58 -8.69 -21.46
N ALA A 271 -4.44 -9.69 -21.63
CA ALA A 271 -4.69 -10.32 -22.91
C ALA A 271 -5.33 -9.34 -23.90
N ALA A 272 -6.14 -8.43 -23.38
CA ALA A 272 -6.83 -7.41 -24.20
C ALA A 272 -5.82 -6.43 -24.80
N LEU A 273 -4.85 -6.01 -23.99
CA LEU A 273 -3.81 -5.11 -24.45
C LEU A 273 -2.93 -5.78 -25.49
N LYS A 274 -2.79 -7.10 -25.36
CA LYS A 274 -1.97 -7.89 -26.29
C LYS A 274 -2.58 -7.93 -27.70
N MET A 275 -3.91 -8.00 -27.77
CA MET A 275 -4.60 -8.03 -29.05
C MET A 275 -4.53 -6.65 -29.72
N LEU A 276 -4.64 -5.60 -28.92
CA LEU A 276 -4.57 -4.23 -29.42
C LEU A 276 -3.13 -3.98 -29.84
N GLU A 277 -2.21 -4.48 -29.02
CA GLU A 277 -0.78 -4.35 -29.22
C GLU A 277 -0.33 -4.87 -30.59
N GLU A 278 -0.62 -6.14 -30.85
CA GLU A 278 -0.22 -6.80 -32.10
C GLU A 278 -0.56 -6.08 -33.42
N ILE A 279 -1.79 -6.23 -33.89
CA ILE A 279 -2.18 -5.63 -35.16
C ILE A 279 -2.26 -4.10 -35.17
N SER A 280 -1.89 -3.53 -36.31
CA SER A 280 -1.89 -2.10 -36.54
C SER A 280 -1.71 -1.95 -38.06
N SER A 281 -2.30 -2.88 -38.79
CA SER A 281 -2.23 -2.92 -40.26
C SER A 281 -3.39 -2.27 -41.01
N VAL A 282 -4.15 -1.43 -40.31
CA VAL A 282 -5.29 -0.70 -40.89
C VAL A 282 -6.25 -1.58 -41.72
N LYS A 283 -6.50 -2.80 -41.25
CA LYS A 283 -7.36 -3.73 -41.95
C LYS A 283 -7.99 -4.79 -41.03
N HIS A 284 -7.36 -5.01 -39.88
CA HIS A 284 -7.85 -6.00 -38.94
C HIS A 284 -8.56 -5.28 -37.79
N ILE A 285 -7.76 -4.66 -36.93
CA ILE A 285 -8.27 -3.90 -35.78
C ILE A 285 -9.40 -2.95 -36.18
N PRO A 286 -9.19 -2.13 -37.22
CA PRO A 286 -10.19 -1.16 -37.72
C PRO A 286 -11.37 -1.82 -38.46
N GLU A 287 -11.37 -3.16 -38.49
CA GLU A 287 -12.43 -3.92 -39.15
C GLU A 287 -12.83 -5.14 -38.32
N PHE A 288 -13.41 -4.87 -37.16
CA PHE A 288 -13.93 -5.85 -36.20
C PHE A 288 -13.05 -7.05 -35.84
N PHE A 289 -11.75 -6.83 -35.70
CA PHE A 289 -10.83 -7.91 -35.34
C PHE A 289 -10.77 -7.82 -33.83
N ARG A 290 -10.56 -6.60 -33.36
CA ARG A 290 -10.48 -6.28 -31.95
C ARG A 290 -11.88 -6.17 -31.36
N ARG A 291 -12.77 -5.58 -32.13
CA ARG A 291 -14.16 -5.36 -31.71
C ARG A 291 -14.95 -6.64 -31.46
N ALA A 292 -14.82 -7.61 -32.35
CA ALA A 292 -15.53 -8.89 -32.21
C ALA A 292 -15.25 -9.57 -30.87
N LYS A 293 -14.01 -9.44 -30.40
CA LYS A 293 -13.61 -10.05 -29.13
C LYS A 293 -13.74 -9.04 -27.98
N ASP A 294 -14.79 -9.20 -27.17
CA ASP A 294 -15.05 -8.32 -26.03
C ASP A 294 -15.81 -9.03 -24.91
N LYS A 295 -15.37 -10.25 -24.59
CA LYS A 295 -15.96 -11.06 -23.52
C LYS A 295 -15.60 -10.51 -22.14
N ASN A 296 -14.45 -9.83 -22.08
CA ASN A 296 -13.95 -9.19 -20.86
C ASN A 296 -14.01 -7.71 -21.19
N ASP A 297 -14.24 -6.82 -20.22
CA ASP A 297 -14.30 -5.44 -20.65
C ASP A 297 -12.89 -4.89 -20.93
N SER A 298 -12.06 -4.75 -19.90
CA SER A 298 -10.68 -4.29 -20.03
C SER A 298 -10.66 -3.05 -20.92
N PHE A 299 -11.65 -2.18 -20.77
CA PHE A 299 -11.77 -1.02 -21.66
C PHE A 299 -11.12 0.26 -21.23
N ARG A 300 -11.27 0.60 -19.96
CA ARG A 300 -10.67 1.84 -19.42
C ARG A 300 -9.17 1.77 -19.66
N LEU A 301 -8.63 0.56 -19.57
CA LEU A 301 -7.21 0.31 -19.77
C LEU A 301 -6.77 0.52 -21.22
N MET A 302 -7.70 0.26 -22.16
CA MET A 302 -7.45 0.44 -23.59
C MET A 302 -7.75 1.89 -24.03
N GLY A 303 -8.22 2.71 -23.08
CA GLY A 303 -8.55 4.09 -23.36
C GLY A 303 -10.01 4.30 -23.73
N PHE A 304 -10.85 3.32 -23.40
CA PHE A 304 -12.27 3.39 -23.74
C PHE A 304 -13.17 3.37 -22.52
N GLY A 305 -13.67 4.54 -22.13
CA GLY A 305 -14.56 4.64 -20.99
C GLY A 305 -13.86 4.86 -19.65
N HIS A 306 -14.67 5.12 -18.63
CA HIS A 306 -14.19 5.32 -17.26
C HIS A 306 -15.37 5.35 -16.30
N ARG A 307 -15.22 4.67 -15.17
CA ARG A 307 -16.26 4.57 -14.16
C ARG A 307 -16.64 5.90 -13.52
N VAL A 308 -15.69 6.85 -13.52
CA VAL A 308 -15.91 8.16 -12.92
C VAL A 308 -16.85 9.10 -13.69
N TYR A 309 -16.66 9.19 -15.01
CA TYR A 309 -17.49 10.09 -15.81
C TYR A 309 -18.59 9.40 -16.59
N LYS A 310 -19.72 10.08 -16.73
CA LYS A 310 -20.87 9.54 -17.42
C LYS A 310 -20.84 9.59 -18.95
N ASN A 311 -20.64 10.79 -19.48
CA ASN A 311 -20.65 11.01 -20.93
C ASN A 311 -19.29 11.07 -21.60
N TYR A 312 -18.33 11.71 -20.93
CA TYR A 312 -16.99 11.88 -21.49
C TYR A 312 -15.95 12.10 -20.39
N ASP A 313 -14.68 12.08 -20.80
CA ASP A 313 -13.56 12.30 -19.90
C ASP A 313 -13.07 13.73 -20.12
N PRO A 314 -13.34 14.64 -19.15
CA PRO A 314 -12.90 16.04 -19.29
C PRO A 314 -11.41 16.21 -19.58
N ARG A 315 -10.59 15.28 -19.12
CA ARG A 315 -9.14 15.34 -19.33
C ARG A 315 -8.78 15.10 -20.79
N ALA A 316 -9.64 14.38 -21.50
CA ALA A 316 -9.42 14.05 -22.91
C ALA A 316 -9.56 15.21 -23.88
N THR A 317 -10.10 16.34 -23.44
CA THR A 317 -10.28 17.48 -24.34
C THR A 317 -8.96 18.02 -24.88
N VAL A 318 -8.06 18.43 -23.98
CA VAL A 318 -6.77 18.97 -24.39
C VAL A 318 -5.85 17.89 -24.99
N MET A 319 -5.97 16.65 -24.52
CA MET A 319 -5.12 15.58 -25.01
C MET A 319 -5.40 15.21 -26.48
N ARG A 320 -6.67 15.24 -26.88
CA ARG A 320 -7.02 14.92 -28.26
C ARG A 320 -6.44 15.99 -29.18
N GLU A 321 -6.62 17.26 -28.82
CA GLU A 321 -6.11 18.36 -29.61
C GLU A 321 -4.59 18.27 -29.71
N THR A 322 -3.96 17.88 -28.60
CA THR A 322 -2.52 17.73 -28.50
C THR A 322 -2.08 16.57 -29.39
N CYS A 323 -2.91 15.53 -29.38
CA CYS A 323 -2.69 14.32 -30.14
C CYS A 323 -2.55 14.53 -31.65
N HIS A 324 -3.41 15.34 -32.25
CA HIS A 324 -3.33 15.58 -33.69
C HIS A 324 -2.14 16.46 -34.10
N GLU A 325 -1.69 17.30 -33.18
CA GLU A 325 -0.54 18.16 -33.43
C GLU A 325 0.72 17.30 -33.57
N VAL A 326 0.88 16.38 -32.63
CA VAL A 326 2.01 15.46 -32.59
C VAL A 326 2.07 14.67 -33.89
N LEU A 327 0.94 14.12 -34.31
CA LEU A 327 0.83 13.34 -35.52
C LEU A 327 1.17 14.15 -36.77
N LYS A 328 0.76 15.41 -36.82
CA LYS A 328 1.06 16.29 -37.94
C LYS A 328 2.55 16.59 -37.93
N GLU A 329 3.08 16.86 -36.75
CA GLU A 329 4.49 17.17 -36.53
C GLU A 329 5.35 16.01 -37.05
N LEU A 330 4.81 14.80 -36.93
CA LEU A 330 5.50 13.59 -37.39
C LEU A 330 4.80 13.15 -38.70
N GLY A 331 4.53 14.16 -39.54
CA GLY A 331 3.85 14.02 -40.81
C GLY A 331 3.85 12.77 -41.68
N THR A 332 4.83 12.67 -42.59
CA THR A 332 4.92 11.54 -43.52
C THR A 332 5.64 10.32 -42.92
N LYS A 333 5.05 9.78 -41.85
CA LYS A 333 5.57 8.59 -41.16
C LYS A 333 4.38 7.86 -40.56
N ASP A 334 3.35 8.62 -40.23
CA ASP A 334 2.13 8.10 -39.65
C ASP A 334 1.18 7.60 -40.74
N ASP A 335 1.47 6.41 -41.27
CA ASP A 335 0.67 5.80 -42.32
C ASP A 335 -0.08 4.58 -41.77
N LEU A 336 0.68 3.67 -41.15
CA LEU A 336 0.14 2.45 -40.56
C LEU A 336 -0.79 2.75 -39.37
N LEU A 337 -0.78 4.00 -38.91
CA LEU A 337 -1.60 4.44 -37.79
C LEU A 337 -2.85 5.23 -38.19
N GLU A 338 -3.78 4.52 -38.79
CA GLU A 338 -5.09 5.04 -39.23
C GLU A 338 -6.12 4.23 -38.41
N VAL A 339 -5.60 3.31 -37.60
CA VAL A 339 -6.38 2.45 -36.72
C VAL A 339 -6.89 3.30 -35.55
N ALA A 340 -6.11 4.33 -35.19
CA ALA A 340 -6.43 5.24 -34.11
C ALA A 340 -7.72 6.03 -34.40
N MET A 341 -7.83 6.50 -35.64
CA MET A 341 -9.00 7.25 -36.08
C MET A 341 -10.20 6.33 -36.24
N GLU A 342 -9.95 5.10 -36.68
CA GLU A 342 -11.02 4.13 -36.85
C GLU A 342 -11.50 3.60 -35.50
N LEU A 343 -10.56 3.27 -34.61
CA LEU A 343 -10.91 2.79 -33.27
C LEU A 343 -11.75 3.86 -32.60
N GLU A 344 -11.36 5.11 -32.82
CA GLU A 344 -12.10 6.23 -32.27
C GLU A 344 -13.49 6.27 -32.89
N ASN A 345 -13.55 6.10 -34.22
CA ASN A 345 -14.83 6.10 -34.93
C ASN A 345 -15.75 4.98 -34.42
N ILE A 346 -15.19 3.80 -34.23
CA ILE A 346 -15.94 2.65 -33.74
C ILE A 346 -16.47 2.92 -32.33
N ALA A 347 -15.70 3.68 -31.55
CA ALA A 347 -16.09 4.03 -30.18
C ALA A 347 -17.22 5.07 -30.21
N LEU A 348 -17.20 5.91 -31.24
CA LEU A 348 -18.21 6.96 -31.42
C LEU A 348 -19.46 6.48 -32.13
N ASN A 349 -19.33 5.43 -32.94
CA ASN A 349 -20.47 4.97 -33.72
C ASN A 349 -20.98 3.53 -33.61
N ASP A 350 -20.30 2.67 -32.85
CA ASP A 350 -20.78 1.31 -32.68
C ASP A 350 -21.85 1.33 -31.60
N PRO A 351 -23.05 0.77 -31.88
CA PRO A 351 -24.17 0.74 -30.93
C PRO A 351 -23.78 0.15 -29.57
N TYR A 352 -22.85 -0.81 -29.58
CA TYR A 352 -22.39 -1.45 -28.35
C TYR A 352 -21.55 -0.45 -27.55
N PHE A 353 -20.66 0.27 -28.23
CA PHE A 353 -19.82 1.26 -27.57
C PHE A 353 -20.64 2.44 -27.11
N ILE A 354 -21.68 2.75 -27.89
CA ILE A 354 -22.58 3.85 -27.57
C ILE A 354 -23.42 3.47 -26.35
N GLU A 355 -23.90 2.22 -26.33
CA GLU A 355 -24.71 1.68 -25.24
C GLU A 355 -23.97 1.72 -23.90
N LYS A 356 -22.79 1.11 -23.86
CA LYS A 356 -21.97 1.03 -22.66
C LYS A 356 -21.16 2.31 -22.40
N LYS A 357 -21.33 3.31 -23.26
CA LYS A 357 -20.61 4.59 -23.15
C LYS A 357 -19.10 4.38 -23.07
N LEU A 358 -18.57 3.66 -24.07
CA LEU A 358 -17.15 3.37 -24.18
C LEU A 358 -16.45 4.49 -24.94
N TYR A 359 -16.51 5.69 -24.37
CA TYR A 359 -15.90 6.87 -24.95
C TYR A 359 -14.38 6.87 -24.83
N PRO A 360 -13.67 7.44 -25.83
CA PRO A 360 -12.20 7.48 -25.75
C PRO A 360 -11.81 8.38 -24.57
N ASN A 361 -11.11 7.84 -23.59
CA ASN A 361 -10.69 8.65 -22.44
C ASN A 361 -9.30 9.25 -22.68
N VAL A 362 -8.82 10.05 -21.73
CA VAL A 362 -7.52 10.72 -21.85
C VAL A 362 -6.36 9.79 -22.22
N ASP A 363 -6.44 8.54 -21.77
CA ASP A 363 -5.38 7.57 -22.03
C ASP A 363 -5.41 6.98 -23.42
N PHE A 364 -6.52 7.20 -24.12
CA PHE A 364 -6.66 6.74 -25.50
C PHE A 364 -5.72 7.64 -26.31
N TYR A 365 -5.87 8.95 -26.10
CA TYR A 365 -5.06 9.93 -26.80
C TYR A 365 -3.61 9.96 -26.32
N SER A 366 -3.40 9.82 -25.01
CA SER A 366 -2.06 9.78 -24.43
C SER A 366 -1.33 8.61 -25.09
N GLY A 367 -2.03 7.49 -25.20
CA GLY A 367 -1.48 6.30 -25.84
C GLY A 367 -1.05 6.58 -27.25
N ILE A 368 -1.86 7.33 -27.99
CA ILE A 368 -1.55 7.68 -29.37
C ILE A 368 -0.30 8.57 -29.41
N ILE A 369 -0.27 9.58 -28.54
CA ILE A 369 0.87 10.49 -28.46
C ILE A 369 2.15 9.74 -28.09
N LEU A 370 2.03 8.84 -27.11
CA LEU A 370 3.15 8.05 -26.62
C LEU A 370 3.64 7.08 -27.68
N LYS A 371 2.71 6.37 -28.32
CA LYS A 371 3.06 5.43 -29.39
C LYS A 371 3.69 6.18 -30.55
N ALA A 372 3.13 7.35 -30.88
CA ALA A 372 3.67 8.18 -31.96
C ALA A 372 5.11 8.58 -31.67
N MET A 373 5.41 8.82 -30.40
CA MET A 373 6.76 9.21 -29.97
C MET A 373 7.75 8.03 -29.93
N GLY A 374 7.24 6.81 -30.15
CA GLY A 374 8.11 5.65 -30.15
C GLY A 374 8.29 5.00 -28.78
N ILE A 375 7.55 5.50 -27.78
CA ILE A 375 7.62 4.96 -26.43
C ILE A 375 6.85 3.64 -26.36
N PRO A 376 7.50 2.54 -25.95
CA PRO A 376 6.83 1.24 -25.87
C PRO A 376 5.68 1.25 -24.87
N SER A 377 4.62 0.49 -25.16
CA SER A 377 3.44 0.43 -24.33
C SER A 377 3.72 0.12 -22.86
N SER A 378 4.85 -0.53 -22.59
CA SER A 378 5.25 -0.89 -21.23
C SER A 378 5.57 0.32 -20.34
N MET A 379 5.81 1.46 -20.97
CA MET A 379 6.16 2.68 -20.25
C MET A 379 5.00 3.62 -20.02
N PHE A 380 3.85 3.32 -20.62
CA PHE A 380 2.69 4.19 -20.48
C PHE A 380 2.28 4.41 -19.02
N THR A 381 1.99 3.32 -18.31
CA THR A 381 1.57 3.43 -16.91
C THR A 381 2.70 3.91 -15.99
N VAL A 382 3.95 3.72 -16.42
CA VAL A 382 5.08 4.20 -15.63
C VAL A 382 5.02 5.73 -15.68
N ILE A 383 4.80 6.25 -16.89
CA ILE A 383 4.68 7.68 -17.13
C ILE A 383 3.49 8.29 -16.40
N PHE A 384 2.36 7.59 -16.38
CA PHE A 384 1.18 8.09 -15.68
C PHE A 384 1.39 8.16 -14.17
N ALA A 385 1.96 7.09 -13.61
CA ALA A 385 2.24 6.99 -12.18
C ALA A 385 3.26 8.05 -11.77
N MET A 386 4.19 8.31 -12.68
CA MET A 386 5.25 9.29 -12.52
C MET A 386 4.63 10.67 -12.30
N ALA A 387 3.75 11.07 -13.22
CA ALA A 387 3.05 12.34 -13.12
C ALA A 387 2.07 12.34 -11.94
N ARG A 388 1.40 11.21 -11.74
CA ARG A 388 0.42 11.05 -10.66
C ARG A 388 1.05 11.19 -9.28
N THR A 389 2.37 11.04 -9.20
CA THR A 389 3.11 11.17 -7.94
C THR A 389 2.86 12.50 -7.19
N VAL A 390 2.75 13.61 -7.91
CA VAL A 390 2.49 14.89 -7.26
C VAL A 390 1.12 14.88 -6.58
N GLY A 391 0.16 14.19 -7.18
CA GLY A 391 -1.16 14.08 -6.59
C GLY A 391 -1.05 13.28 -5.31
N TRP A 392 -0.44 12.10 -5.41
CA TRP A 392 -0.24 11.21 -4.26
C TRP A 392 0.47 11.91 -3.10
N ILE A 393 1.48 12.74 -3.42
CA ILE A 393 2.22 13.47 -2.40
C ILE A 393 1.33 14.47 -1.68
N ALA A 394 0.48 15.17 -2.44
CA ALA A 394 -0.45 16.14 -1.89
C ALA A 394 -1.46 15.46 -0.99
N HIS A 395 -2.02 14.34 -1.46
CA HIS A 395 -3.00 13.57 -0.69
C HIS A 395 -2.39 13.02 0.60
N TRP A 396 -1.19 12.46 0.50
CA TRP A 396 -0.48 11.93 1.65
C TRP A 396 -0.28 13.05 2.67
N SER A 397 0.05 14.24 2.18
CA SER A 397 0.29 15.41 3.02
C SER A 397 -0.97 15.92 3.72
N GLU A 398 -2.07 15.95 2.97
CA GLU A 398 -3.35 16.41 3.52
C GLU A 398 -3.83 15.48 4.62
N MET A 399 -3.51 14.19 4.49
CA MET A 399 -3.88 13.19 5.48
C MET A 399 -3.09 13.48 6.77
N HIS A 400 -1.83 13.90 6.62
CA HIS A 400 -0.97 14.23 7.75
C HIS A 400 -1.45 15.45 8.51
N SER A 401 -1.46 16.60 7.83
CA SER A 401 -1.89 17.86 8.41
C SER A 401 -3.25 17.77 9.10
N ASP A 402 -4.14 16.91 8.59
CA ASP A 402 -5.47 16.71 9.18
C ASP A 402 -5.30 16.33 10.65
N GLY A 403 -5.11 15.05 10.90
CA GLY A 403 -4.93 14.57 12.26
C GLY A 403 -4.40 13.14 12.31
N MET A 404 -3.80 12.69 11.22
CA MET A 404 -3.26 11.34 11.10
C MET A 404 -4.24 10.31 11.65
N LYS A 405 -5.47 10.32 11.14
CA LYS A 405 -6.49 9.38 11.59
C LYS A 405 -6.26 8.00 10.94
N ILE A 406 -5.56 7.14 11.68
CA ILE A 406 -5.19 5.78 11.24
C ILE A 406 -6.34 4.94 10.74
N ALA A 407 -6.13 4.24 9.63
CA ALA A 407 -7.14 3.37 9.03
C ALA A 407 -7.39 2.14 9.90
N ARG A 408 -8.50 2.16 10.63
CA ARG A 408 -8.86 1.05 11.50
C ARG A 408 -10.35 0.74 11.35
N PRO A 409 -10.73 0.14 10.21
CA PRO A 409 -12.13 -0.21 9.97
C PRO A 409 -12.59 -1.39 10.80
N ARG A 410 -13.90 -1.61 10.78
CA ARG A 410 -14.51 -2.72 11.50
C ARG A 410 -14.71 -3.86 10.51
N GLN A 411 -15.14 -5.00 11.01
CA GLN A 411 -15.43 -6.15 10.17
C GLN A 411 -16.65 -6.87 10.70
N LEU A 412 -17.60 -7.16 9.82
CA LEU A 412 -18.78 -7.91 10.22
C LEU A 412 -18.25 -9.34 10.27
N TYR A 413 -17.96 -9.82 11.48
CA TYR A 413 -17.46 -11.18 11.63
C TYR A 413 -18.58 -12.18 11.43
N THR A 414 -18.34 -13.20 10.60
CA THR A 414 -19.35 -14.22 10.35
C THR A 414 -18.71 -15.60 10.28
N GLY A 415 -17.56 -15.75 10.91
CA GLY A 415 -16.87 -17.03 10.89
C GLY A 415 -17.27 -17.98 11.99
N TYR A 416 -16.38 -18.92 12.30
CA TYR A 416 -16.63 -19.90 13.34
C TYR A 416 -16.72 -19.29 14.73
N GLU A 417 -17.60 -19.85 15.54
CA GLU A 417 -17.76 -19.44 16.93
C GLU A 417 -16.55 -20.07 17.62
N LYS A 418 -16.28 -19.69 18.87
CA LYS A 418 -15.14 -20.26 19.58
C LYS A 418 -15.24 -21.78 19.63
N ARG A 419 -14.19 -22.44 19.13
CA ARG A 419 -14.15 -23.89 19.13
C ARG A 419 -12.81 -24.34 19.68
N ASP A 420 -12.82 -25.48 20.36
CA ASP A 420 -11.61 -26.04 20.95
C ASP A 420 -10.70 -26.60 19.86
N PHE A 421 -9.40 -26.55 20.09
CA PHE A 421 -8.42 -27.05 19.14
C PHE A 421 -7.66 -28.25 19.69
N LYS A 422 -7.49 -29.25 18.82
CA LYS A 422 -6.74 -30.47 19.10
C LYS A 422 -6.15 -30.98 17.77
N SER A 423 -4.83 -30.92 17.69
CA SER A 423 -4.09 -31.33 16.49
C SER A 423 -4.49 -32.71 15.93
N ASP A 424 -4.99 -32.69 14.69
CA ASP A 424 -5.41 -33.88 13.96
C ASP A 424 -4.15 -34.62 13.51
N ILE A 425 -3.13 -33.83 13.19
CA ILE A 425 -1.83 -34.32 12.72
C ILE A 425 -0.89 -34.73 13.85
N LYS A 426 0.22 -35.34 13.45
CA LYS A 426 1.25 -35.78 14.35
C LYS A 426 2.54 -35.57 13.57
N ARG A 427 2.81 -34.30 13.30
CA ARG A 427 4.00 -33.87 12.58
C ARG A 427 4.22 -32.36 12.73
N ALA B 2 -31.09 -11.17 19.93
CA ALA B 2 -31.01 -9.99 19.05
C ALA B 2 -31.60 -8.75 19.70
N ASP B 3 -31.03 -7.59 19.39
CA ASP B 3 -31.50 -6.31 19.94
C ASP B 3 -32.45 -5.68 18.91
N THR B 4 -31.90 -4.80 18.07
CA THR B 4 -32.67 -4.14 17.03
C THR B 4 -32.10 -4.66 15.71
N LYS B 5 -31.90 -5.97 15.66
CA LYS B 5 -31.33 -6.65 14.50
C LYS B 5 -32.30 -6.93 13.36
N ALA B 6 -33.40 -6.16 13.32
CA ALA B 6 -34.38 -6.28 12.25
C ALA B 6 -33.91 -5.28 11.19
N LYS B 7 -34.36 -4.03 11.32
CA LYS B 7 -33.97 -2.96 10.41
C LYS B 7 -33.73 -1.65 11.16
N LEU B 8 -33.50 -0.57 10.41
CA LEU B 8 -33.27 0.75 10.99
C LEU B 8 -33.65 1.84 10.00
N THR B 9 -33.90 3.04 10.52
CA THR B 9 -34.29 4.16 9.67
C THR B 9 -33.38 5.38 9.70
N LEU B 10 -33.01 5.85 8.51
CA LEU B 10 -32.17 7.03 8.36
C LEU B 10 -33.10 8.14 7.88
N ASN B 11 -33.23 9.19 8.67
CA ASN B 11 -34.12 10.30 8.35
C ASN B 11 -33.39 11.62 8.16
N GLY B 12 -33.61 12.24 7.00
CA GLY B 12 -33.01 13.55 6.72
C GLY B 12 -34.19 14.51 6.79
N ASP B 13 -35.21 14.17 5.99
CA ASP B 13 -36.49 14.88 5.90
C ASP B 13 -37.61 13.83 5.77
N THR B 14 -37.21 12.61 5.40
CA THR B 14 -38.08 11.44 5.24
C THR B 14 -37.22 10.18 5.51
N ALA B 15 -37.87 9.06 5.79
CA ALA B 15 -37.19 7.80 6.12
C ALA B 15 -36.50 6.98 5.03
N VAL B 16 -35.45 6.27 5.45
CA VAL B 16 -34.64 5.39 4.61
C VAL B 16 -34.40 4.12 5.46
N GLU B 17 -35.04 3.03 5.09
CA GLU B 17 -34.91 1.77 5.82
C GLU B 17 -33.67 0.97 5.42
N LEU B 18 -32.84 0.68 6.41
CA LEU B 18 -31.59 -0.06 6.21
C LEU B 18 -31.59 -1.39 6.96
N ASP B 19 -30.95 -2.39 6.38
CA ASP B 19 -30.87 -3.71 7.00
C ASP B 19 -29.69 -3.80 7.94
N VAL B 20 -29.80 -4.71 8.89
CA VAL B 20 -28.72 -4.95 9.84
C VAL B 20 -28.31 -6.41 9.70
N LEU B 21 -27.05 -6.62 9.34
CA LEU B 21 -26.49 -7.95 9.15
C LEU B 21 -25.99 -8.46 10.49
N LYS B 22 -26.27 -9.73 10.79
CA LYS B 22 -25.84 -10.30 12.06
C LYS B 22 -24.60 -11.17 11.92
N GLY B 23 -23.62 -10.93 12.79
CA GLY B 23 -22.40 -11.72 12.77
C GLY B 23 -22.55 -12.91 13.69
N THR B 24 -21.68 -13.91 13.51
CA THR B 24 -21.71 -15.10 14.36
C THR B 24 -21.08 -14.80 15.73
N LEU B 25 -20.31 -13.71 15.78
CA LEU B 25 -19.64 -13.24 16.99
C LEU B 25 -19.52 -11.73 16.85
N GLY B 26 -19.29 -11.04 17.97
CA GLY B 26 -19.15 -9.60 17.94
C GLY B 26 -20.37 -8.82 17.50
N GLN B 27 -20.18 -7.53 17.24
CA GLN B 27 -21.27 -6.65 16.83
C GLN B 27 -21.83 -6.90 15.44
N ASP B 28 -23.12 -6.61 15.30
CA ASP B 28 -23.80 -6.72 14.03
C ASP B 28 -23.64 -5.37 13.36
N VAL B 29 -23.91 -5.27 12.07
CA VAL B 29 -23.74 -3.99 11.39
C VAL B 29 -24.93 -3.49 10.57
N ILE B 30 -24.89 -2.20 10.25
CA ILE B 30 -25.92 -1.57 9.44
C ILE B 30 -25.49 -1.56 7.98
N ASP B 31 -26.24 -2.25 7.13
CA ASP B 31 -25.92 -2.29 5.71
C ASP B 31 -26.21 -0.95 5.04
N ILE B 32 -25.17 -0.31 4.50
CA ILE B 32 -25.33 0.98 3.82
C ILE B 32 -24.78 0.97 2.39
N ARG B 33 -24.75 -0.21 1.75
CA ARG B 33 -24.23 -0.33 0.40
C ARG B 33 -24.95 0.46 -0.71
N THR B 34 -26.27 0.53 -0.65
CA THR B 34 -27.02 1.26 -1.67
C THR B 34 -27.26 2.74 -1.30
N LEU B 35 -26.71 3.18 -0.17
CA LEU B 35 -26.90 4.57 0.27
C LEU B 35 -26.32 5.64 -0.66
N GLY B 36 -25.00 5.59 -0.88
CA GLY B 36 -24.35 6.56 -1.74
C GLY B 36 -24.92 6.53 -3.15
N SER B 37 -25.50 5.39 -3.51
CA SER B 37 -26.11 5.20 -4.81
C SER B 37 -27.40 6.02 -4.88
N LYS B 38 -27.62 6.85 -3.86
CA LYS B 38 -28.78 7.72 -3.75
C LYS B 38 -28.30 9.14 -3.45
N GLY B 39 -26.98 9.28 -3.29
CA GLY B 39 -26.39 10.56 -3.00
C GLY B 39 -25.97 10.72 -1.54
N VAL B 40 -26.68 10.04 -0.65
CA VAL B 40 -26.39 10.09 0.78
C VAL B 40 -25.10 9.32 1.15
N PHE B 41 -24.14 10.06 1.71
CA PHE B 41 -22.85 9.52 2.13
C PHE B 41 -22.60 9.73 3.64
N THR B 42 -21.82 8.83 4.23
CA THR B 42 -21.46 8.95 5.64
C THR B 42 -20.05 9.55 5.66
N PHE B 43 -19.67 10.14 6.79
CA PHE B 43 -18.35 10.74 6.96
C PHE B 43 -17.66 10.01 8.10
N ASP B 44 -16.54 9.34 7.80
CA ASP B 44 -15.84 8.59 8.83
C ASP B 44 -14.33 8.36 8.58
N PRO B 45 -13.51 9.42 8.75
CA PRO B 45 -12.07 9.27 8.54
C PRO B 45 -11.54 8.23 9.53
N GLY B 46 -10.74 7.27 9.05
CA GLY B 46 -10.22 6.25 9.92
C GLY B 46 -11.09 5.00 10.00
N PHE B 47 -12.33 5.11 9.50
CA PHE B 47 -13.30 4.02 9.46
C PHE B 47 -13.60 3.29 10.77
N THR B 48 -13.38 3.95 11.91
CA THR B 48 -13.64 3.30 13.19
C THR B 48 -15.12 3.00 13.46
N SER B 49 -16.01 3.54 12.63
CA SER B 49 -17.45 3.31 12.79
C SER B 49 -17.97 2.65 11.52
N THR B 50 -17.06 2.19 10.66
CA THR B 50 -17.40 1.56 9.39
C THR B 50 -16.78 0.18 9.17
N ALA B 51 -17.62 -0.81 8.91
CA ALA B 51 -17.13 -2.16 8.64
C ALA B 51 -16.80 -2.16 7.16
N SER B 52 -15.55 -2.48 6.85
CA SER B 52 -15.06 -2.50 5.47
C SER B 52 -15.25 -3.85 4.78
N CYS B 53 -15.60 -4.87 5.53
CA CYS B 53 -15.77 -6.19 4.95
C CYS B 53 -16.36 -7.17 5.94
N GLU B 54 -16.78 -8.32 5.41
CA GLU B 54 -17.26 -9.42 6.23
C GLU B 54 -16.03 -10.35 6.19
N SER B 55 -15.72 -10.96 7.32
CA SER B 55 -14.57 -11.85 7.38
C SER B 55 -14.86 -12.98 8.35
N LYS B 56 -14.22 -14.12 8.09
CA LYS B 56 -14.38 -15.32 8.91
C LYS B 56 -13.02 -15.78 9.43
N ILE B 57 -12.00 -14.95 9.24
CA ILE B 57 -10.65 -15.31 9.65
C ILE B 57 -10.34 -15.16 11.14
N THR B 58 -10.22 -13.92 11.58
CA THR B 58 -9.87 -13.62 12.96
C THR B 58 -10.92 -12.80 13.71
N PHE B 59 -11.25 -13.28 14.90
CA PHE B 59 -12.20 -12.58 15.75
C PHE B 59 -11.45 -12.03 16.96
N ILE B 60 -11.75 -10.79 17.31
CA ILE B 60 -11.15 -10.13 18.46
C ILE B 60 -12.19 -9.40 19.29
N ASP B 61 -12.16 -9.59 20.60
CA ASP B 61 -13.03 -8.88 21.52
C ASP B 61 -12.03 -8.21 22.47
N GLY B 62 -11.77 -6.93 22.22
CA GLY B 62 -10.81 -6.17 23.01
C GLY B 62 -11.02 -6.09 24.51
N ASP B 63 -12.23 -5.74 24.91
CA ASP B 63 -12.57 -5.62 26.33
C ASP B 63 -12.52 -6.96 27.06
N GLU B 64 -12.63 -8.05 26.30
CA GLU B 64 -12.56 -9.39 26.89
C GLU B 64 -11.16 -9.98 26.70
N GLY B 65 -10.35 -9.32 25.87
CA GLY B 65 -9.00 -9.79 25.58
C GLY B 65 -9.05 -11.09 24.80
N ILE B 66 -10.02 -11.20 23.89
CA ILE B 66 -10.21 -12.40 23.08
C ILE B 66 -9.66 -12.26 21.66
N LEU B 67 -8.93 -13.30 21.23
CA LEU B 67 -8.36 -13.37 19.89
C LEU B 67 -8.58 -14.80 19.40
N LEU B 68 -9.25 -14.94 18.25
CA LEU B 68 -9.54 -16.24 17.65
C LEU B 68 -9.07 -16.29 16.20
N HIS B 69 -8.64 -17.47 15.75
CA HIS B 69 -8.22 -17.67 14.36
C HIS B 69 -9.04 -18.86 13.88
N ARG B 70 -10.00 -18.59 12.99
CA ARG B 70 -10.89 -19.64 12.47
C ARG B 70 -11.60 -20.33 13.65
N GLY B 71 -11.92 -19.56 14.69
CA GLY B 71 -12.60 -20.10 15.86
C GLY B 71 -11.71 -20.59 16.99
N PHE B 72 -10.42 -20.79 16.72
CA PHE B 72 -9.49 -21.27 17.75
C PHE B 72 -8.82 -20.14 18.52
N PRO B 73 -8.85 -20.21 19.87
CA PRO B 73 -8.22 -19.19 20.71
C PRO B 73 -6.72 -19.20 20.48
N ILE B 74 -6.11 -18.03 20.40
CA ILE B 74 -4.67 -17.92 20.15
C ILE B 74 -3.81 -18.76 21.12
N ASP B 75 -4.20 -18.83 22.39
CA ASP B 75 -3.43 -19.62 23.36
C ASP B 75 -3.39 -21.11 23.03
N GLN B 76 -4.51 -21.66 22.57
CA GLN B 76 -4.57 -23.08 22.22
C GLN B 76 -3.62 -23.39 21.06
N LEU B 77 -3.73 -22.58 20.01
CA LEU B 77 -2.89 -22.72 18.82
C LEU B 77 -1.40 -22.54 19.11
N ALA B 78 -1.07 -21.53 19.90
CA ALA B 78 0.33 -21.23 20.23
C ALA B 78 1.00 -22.36 20.99
N THR B 79 0.27 -22.97 21.92
CA THR B 79 0.79 -24.07 22.73
C THR B 79 0.74 -25.45 22.08
N ASP B 80 -0.36 -25.82 21.44
CA ASP B 80 -0.49 -27.15 20.86
C ASP B 80 -0.34 -27.30 19.34
N SER B 81 0.11 -26.25 18.67
CA SER B 81 0.29 -26.30 17.23
C SER B 81 1.68 -25.80 16.84
N ASN B 82 1.80 -25.31 15.60
CA ASN B 82 3.04 -24.74 15.08
C ASN B 82 2.70 -23.80 13.93
N TYR B 83 3.56 -22.83 13.65
CA TYR B 83 3.31 -21.85 12.60
C TYR B 83 2.72 -22.38 11.29
N LEU B 84 3.29 -23.48 10.75
CA LEU B 84 2.79 -24.04 9.51
C LEU B 84 1.38 -24.61 9.60
N GLU B 85 1.03 -25.25 10.71
CA GLU B 85 -0.31 -25.78 10.85
C GLU B 85 -1.28 -24.62 11.05
N VAL B 86 -0.82 -23.58 11.75
CA VAL B 86 -1.62 -22.39 11.98
C VAL B 86 -1.82 -21.70 10.63
N CYS B 87 -0.78 -21.68 9.80
CA CYS B 87 -0.86 -21.10 8.46
C CYS B 87 -1.93 -21.86 7.66
N TYR B 88 -1.88 -23.19 7.73
CA TYR B 88 -2.85 -24.03 7.03
C TYR B 88 -4.28 -23.67 7.46
N ILE B 89 -4.48 -23.45 8.75
CA ILE B 89 -5.80 -23.11 9.28
C ILE B 89 -6.24 -21.71 8.80
N LEU B 90 -5.37 -20.73 8.93
CA LEU B 90 -5.68 -19.36 8.51
C LEU B 90 -6.06 -19.29 7.03
N LEU B 91 -5.32 -20.01 6.20
CA LEU B 91 -5.53 -20.04 4.76
C LEU B 91 -6.70 -20.91 4.28
N ASN B 92 -6.96 -22.02 4.97
CA ASN B 92 -8.03 -22.96 4.60
C ASN B 92 -9.29 -22.96 5.45
N GLY B 93 -9.22 -22.40 6.65
CA GLY B 93 -10.39 -22.34 7.52
C GLY B 93 -10.64 -23.51 8.45
N GLU B 94 -9.94 -24.61 8.19
CA GLU B 94 -10.08 -25.82 9.00
C GLU B 94 -8.70 -26.37 9.29
N LYS B 95 -8.59 -27.20 10.33
CA LYS B 95 -7.32 -27.82 10.67
C LYS B 95 -7.08 -28.92 9.62
N PRO B 96 -5.79 -29.18 9.30
CA PRO B 96 -5.46 -30.20 8.31
C PRO B 96 -5.41 -31.62 8.86
N THR B 97 -5.60 -32.61 7.99
CA THR B 97 -5.48 -34.00 8.40
C THR B 97 -3.98 -34.25 8.16
N GLN B 98 -3.47 -35.42 8.50
CA GLN B 98 -2.05 -35.70 8.27
C GLN B 98 -1.70 -35.56 6.79
N GLU B 99 -2.56 -36.05 5.93
CA GLU B 99 -2.35 -35.99 4.48
C GLU B 99 -2.26 -34.55 3.94
N GLN B 100 -3.16 -33.69 4.40
CA GLN B 100 -3.20 -32.29 3.98
C GLN B 100 -1.99 -31.51 4.47
N TYR B 101 -1.67 -31.67 5.75
CA TYR B 101 -0.53 -30.99 6.37
C TYR B 101 0.77 -31.38 5.70
N ASP B 102 1.01 -32.68 5.57
CA ASP B 102 2.24 -33.18 4.94
C ASP B 102 2.43 -32.65 3.53
N GLU B 103 1.33 -32.53 2.79
CA GLU B 103 1.39 -32.01 1.42
C GLU B 103 1.81 -30.53 1.46
N PHE B 104 1.06 -29.73 2.21
CA PHE B 104 1.29 -28.30 2.39
C PHE B 104 2.72 -28.02 2.88
N LYS B 105 3.13 -28.72 3.94
CA LYS B 105 4.45 -28.58 4.54
C LYS B 105 5.56 -28.82 3.52
N THR B 106 5.40 -29.87 2.73
CA THR B 106 6.37 -30.24 1.71
C THR B 106 6.49 -29.20 0.59
N THR B 107 5.37 -28.62 0.19
CA THR B 107 5.40 -27.60 -0.86
C THR B 107 6.09 -26.33 -0.34
N VAL B 108 5.83 -26.00 0.94
CA VAL B 108 6.45 -24.83 1.54
C VAL B 108 7.97 -24.98 1.57
N THR B 109 8.44 -26.14 2.02
CA THR B 109 9.88 -26.37 2.10
C THR B 109 10.58 -26.47 0.75
N LEU B 110 9.86 -26.98 -0.25
CA LEU B 110 10.40 -27.15 -1.59
C LEU B 110 10.61 -25.88 -2.39
N HIS B 111 10.19 -24.73 -1.87
CA HIS B 111 10.36 -23.46 -2.58
C HIS B 111 11.04 -22.39 -1.76
N THR B 112 11.73 -22.82 -0.72
CA THR B 112 12.44 -21.91 0.17
C THR B 112 13.58 -21.14 -0.50
N MET B 113 14.19 -21.73 -1.52
CA MET B 113 15.30 -21.09 -2.22
C MET B 113 14.82 -20.04 -3.21
N ILE B 114 15.43 -18.85 -3.14
CA ILE B 114 15.08 -17.75 -4.04
C ILE B 114 15.99 -17.74 -5.27
N HIS B 115 15.47 -17.23 -6.38
CA HIS B 115 16.23 -17.16 -7.63
C HIS B 115 17.59 -16.49 -7.37
N GLU B 116 18.63 -17.01 -8.03
CA GLU B 116 20.01 -16.55 -7.92
C GLU B 116 20.16 -15.05 -8.23
N GLN B 117 19.31 -14.51 -9.11
CA GLN B 117 19.38 -13.10 -9.48
C GLN B 117 18.79 -12.16 -8.44
N ILE B 118 17.80 -12.63 -7.68
CA ILE B 118 17.20 -11.81 -6.63
C ILE B 118 18.27 -11.57 -5.55
N THR B 119 19.18 -12.54 -5.40
CA THR B 119 20.26 -12.46 -4.44
C THR B 119 21.26 -11.37 -4.85
N ARG B 120 21.34 -11.10 -6.15
CA ARG B 120 22.26 -10.07 -6.65
C ARG B 120 21.73 -8.70 -6.25
N LEU B 121 20.42 -8.59 -6.12
CA LEU B 121 19.78 -7.35 -5.72
C LEU B 121 20.22 -6.96 -4.30
N PHE B 122 20.44 -7.95 -3.45
CA PHE B 122 20.89 -7.71 -2.07
C PHE B 122 22.21 -6.92 -2.04
N HIS B 123 23.12 -7.28 -2.93
CA HIS B 123 24.44 -6.64 -3.01
C HIS B 123 24.44 -5.19 -3.50
N ALA B 124 23.33 -4.73 -4.08
CA ALA B 124 23.23 -3.36 -4.56
C ALA B 124 22.85 -2.39 -3.44
N PHE B 125 22.32 -2.91 -2.33
CA PHE B 125 21.95 -2.08 -1.17
C PHE B 125 23.20 -1.77 -0.37
N ARG B 126 23.17 -0.69 0.38
CA ARG B 126 24.31 -0.29 1.22
C ARG B 126 24.38 -1.24 2.43
N ARG B 127 25.60 -1.46 2.93
CA ARG B 127 25.78 -2.33 4.10
C ARG B 127 25.17 -1.68 5.36
N ASP B 128 25.22 -0.35 5.43
CA ASP B 128 24.69 0.39 6.57
C ASP B 128 23.16 0.54 6.65
N SER B 129 22.46 0.12 5.60
CA SER B 129 21.00 0.23 5.57
C SER B 129 20.28 -0.62 6.63
N HIS B 130 19.09 -0.17 7.02
CA HIS B 130 18.27 -0.86 8.01
C HIS B 130 17.74 -2.16 7.38
N PRO B 131 17.82 -3.30 8.12
CA PRO B 131 17.34 -4.59 7.61
C PRO B 131 15.87 -4.57 7.15
N MET B 132 15.04 -3.80 7.85
CA MET B 132 13.63 -3.69 7.49
C MET B 132 13.42 -3.02 6.13
N ALA B 133 14.14 -1.92 5.89
CA ALA B 133 14.05 -1.18 4.63
C ALA B 133 14.52 -2.06 3.47
N VAL B 134 15.60 -2.80 3.71
CA VAL B 134 16.16 -3.72 2.71
C VAL B 134 15.10 -4.78 2.39
N MET B 135 14.45 -5.28 3.43
CA MET B 135 13.40 -6.29 3.32
C MET B 135 12.24 -5.77 2.46
N CYS B 136 11.81 -4.53 2.72
CA CYS B 136 10.72 -3.90 1.95
C CYS B 136 11.14 -3.74 0.47
N GLY B 137 12.38 -3.33 0.27
CA GLY B 137 12.91 -3.14 -1.07
C GLY B 137 12.96 -4.44 -1.85
N ILE B 138 13.45 -5.49 -1.20
CA ILE B 138 13.53 -6.81 -1.82
C ILE B 138 12.11 -7.31 -2.15
N THR B 139 11.21 -7.17 -1.19
CA THR B 139 9.82 -7.58 -1.34
C THR B 139 9.08 -6.84 -2.47
N GLY B 140 9.27 -5.52 -2.54
CA GLY B 140 8.64 -4.73 -3.59
C GLY B 140 9.33 -4.88 -4.93
N ALA B 141 10.30 -5.78 -5.01
CA ALA B 141 11.04 -6.02 -6.24
C ALA B 141 10.73 -7.39 -6.83
N LEU B 142 10.04 -8.23 -6.06
CA LEU B 142 9.73 -9.59 -6.48
C LEU B 142 8.90 -9.75 -7.74
N ALA B 143 7.91 -8.88 -7.95
CA ALA B 143 7.05 -8.95 -9.13
C ALA B 143 7.80 -8.86 -10.47
N ALA B 144 9.01 -8.31 -10.43
CA ALA B 144 9.86 -8.17 -11.62
C ALA B 144 10.42 -9.50 -12.09
N PHE B 145 10.50 -10.45 -11.16
CA PHE B 145 10.99 -11.79 -11.47
C PHE B 145 9.78 -12.69 -11.64
N TYR B 146 8.98 -12.79 -10.59
CA TYR B 146 7.78 -13.61 -10.54
C TYR B 146 6.62 -13.03 -11.36
N HIS B 147 6.89 -12.62 -12.59
CA HIS B 147 5.88 -12.05 -13.47
C HIS B 147 4.82 -13.07 -13.89
N ASP B 148 5.04 -14.34 -13.55
CA ASP B 148 4.09 -15.39 -13.91
C ASP B 148 3.00 -15.70 -12.88
N SER B 149 2.95 -14.94 -11.79
CA SER B 149 1.91 -15.15 -10.77
C SER B 149 1.39 -13.82 -10.22
N LEU B 150 1.10 -12.89 -11.11
CA LEU B 150 0.62 -11.57 -10.72
C LEU B 150 -0.89 -11.39 -10.77
N ASP B 151 -1.58 -12.18 -11.59
CA ASP B 151 -3.03 -12.07 -11.73
C ASP B 151 -3.79 -12.55 -10.50
N VAL B 152 -4.36 -11.57 -9.80
CA VAL B 152 -5.12 -11.80 -8.59
C VAL B 152 -6.47 -12.48 -8.87
N ASN B 153 -6.87 -12.47 -10.13
CA ASN B 153 -8.13 -13.08 -10.55
C ASN B 153 -7.97 -14.52 -11.02
N ASN B 154 -6.75 -15.04 -10.89
CA ASN B 154 -6.46 -16.42 -11.27
C ASN B 154 -6.02 -17.17 -10.01
N PRO B 155 -6.83 -18.16 -9.57
CA PRO B 155 -6.56 -18.99 -8.39
C PRO B 155 -5.18 -19.67 -8.45
N ARG B 156 -4.78 -20.10 -9.64
CA ARG B 156 -3.49 -20.73 -9.88
C ARG B 156 -2.38 -19.76 -9.50
N HIS B 157 -2.47 -18.53 -10.02
CA HIS B 157 -1.51 -17.47 -9.72
C HIS B 157 -1.49 -17.17 -8.23
N ARG B 158 -2.68 -17.00 -7.66
CA ARG B 158 -2.83 -16.69 -6.24
C ARG B 158 -2.22 -17.72 -5.29
N GLU B 159 -2.41 -19.00 -5.61
CA GLU B 159 -1.88 -20.07 -4.78
C GLU B 159 -0.35 -20.19 -4.87
N ILE B 160 0.19 -19.97 -6.07
CA ILE B 160 1.63 -20.03 -6.31
C ILE B 160 2.27 -18.83 -5.61
N ALA B 161 1.61 -17.68 -5.72
CA ALA B 161 2.09 -16.44 -5.12
C ALA B 161 2.15 -16.58 -3.60
N ALA B 162 1.08 -17.11 -3.03
CA ALA B 162 0.99 -17.32 -1.59
C ALA B 162 2.13 -18.22 -1.11
N PHE B 163 2.36 -19.33 -1.81
CA PHE B 163 3.44 -20.25 -1.45
C PHE B 163 4.80 -19.59 -1.59
N ARG B 164 4.96 -18.79 -2.65
CA ARG B 164 6.21 -18.10 -2.87
C ARG B 164 6.55 -17.18 -1.69
N LEU B 165 5.52 -16.55 -1.11
CA LEU B 165 5.69 -15.65 0.03
C LEU B 165 5.97 -16.41 1.32
N LEU B 166 5.18 -17.44 1.58
CA LEU B 166 5.32 -18.25 2.78
C LEU B 166 6.64 -19.02 2.79
N SER B 167 7.08 -19.48 1.62
CA SER B 167 8.32 -20.23 1.52
C SER B 167 9.57 -19.34 1.59
N LYS B 168 9.53 -18.24 0.84
CA LYS B 168 10.66 -17.33 0.72
C LYS B 168 10.89 -16.21 1.72
N MET B 169 9.85 -15.71 2.38
CA MET B 169 10.02 -14.62 3.35
C MET B 169 11.11 -14.85 4.40
N PRO B 170 11.11 -16.03 5.05
CA PRO B 170 12.15 -16.28 6.06
C PRO B 170 13.56 -16.21 5.46
N THR B 171 13.72 -16.78 4.27
CA THR B 171 15.01 -16.77 3.57
C THR B 171 15.46 -15.33 3.31
N MET B 172 14.52 -14.47 2.91
CA MET B 172 14.79 -13.06 2.66
C MET B 172 15.20 -12.37 3.93
N ALA B 173 14.39 -12.57 4.97
CA ALA B 173 14.61 -11.99 6.29
C ALA B 173 16.01 -12.28 6.80
N ALA B 174 16.38 -13.57 6.82
CA ALA B 174 17.70 -14.00 7.28
C ALA B 174 18.82 -13.34 6.47
N MET B 175 18.59 -13.19 5.16
CA MET B 175 19.56 -12.56 4.27
C MET B 175 19.71 -11.07 4.55
N CYS B 176 18.62 -10.40 4.91
CA CYS B 176 18.68 -8.96 5.25
C CYS B 176 19.55 -8.85 6.52
N TYR B 177 19.56 -9.91 7.31
CA TYR B 177 20.35 -9.97 8.53
C TYR B 177 21.83 -10.19 8.22
N LYS B 178 22.14 -11.28 7.51
CA LYS B 178 23.51 -11.63 7.15
C LYS B 178 24.24 -10.53 6.37
N TYR B 179 23.52 -9.83 5.51
CA TYR B 179 24.12 -8.75 4.73
C TYR B 179 24.49 -7.56 5.64
N SER B 180 23.63 -7.26 6.60
CA SER B 180 23.83 -6.13 7.53
C SER B 180 25.04 -6.30 8.44
N ILE B 181 25.39 -7.55 8.74
CA ILE B 181 26.50 -7.87 9.61
C ILE B 181 27.77 -8.34 8.87
N GLY B 182 27.65 -8.50 7.56
CA GLY B 182 28.78 -8.93 6.76
C GLY B 182 29.11 -10.42 6.76
N GLN B 183 28.14 -11.26 7.12
CA GLN B 183 28.37 -12.70 7.10
C GLN B 183 27.75 -13.26 5.82
N PRO B 184 28.24 -14.43 5.37
CA PRO B 184 27.71 -15.03 4.15
C PRO B 184 26.27 -15.54 4.27
N PHE B 185 25.52 -15.48 3.17
CA PHE B 185 24.14 -15.93 3.14
C PHE B 185 24.06 -17.47 3.29
N VAL B 186 23.05 -17.94 4.02
CA VAL B 186 22.88 -19.38 4.26
C VAL B 186 21.64 -19.95 3.54
N TYR B 187 21.87 -20.98 2.73
CA TYR B 187 20.81 -21.63 1.98
C TYR B 187 19.84 -22.38 2.87
N PRO B 188 18.56 -22.45 2.48
CA PRO B 188 17.57 -23.16 3.28
C PRO B 188 17.85 -24.66 3.19
N ARG B 189 17.64 -25.36 4.30
CA ARG B 189 17.85 -26.81 4.37
C ARG B 189 16.51 -27.49 4.61
N ASN B 190 16.10 -28.31 3.66
CA ASN B 190 14.81 -29.00 3.71
C ASN B 190 14.59 -29.94 4.91
N ASP B 191 15.68 -30.40 5.50
CA ASP B 191 15.64 -31.31 6.66
C ASP B 191 15.34 -30.61 8.00
N LEU B 192 15.29 -29.28 7.98
CA LEU B 192 15.02 -28.49 9.18
C LEU B 192 13.62 -27.88 9.16
N SER B 193 12.99 -27.80 10.33
CA SER B 193 11.66 -27.22 10.45
C SER B 193 11.62 -25.77 9.99
N TYR B 194 10.42 -25.21 9.88
CA TYR B 194 10.25 -23.82 9.46
C TYR B 194 11.11 -22.88 10.33
N ALA B 195 10.96 -23.00 11.64
CA ALA B 195 11.69 -22.17 12.60
C ALA B 195 13.17 -22.56 12.74
N GLY B 196 13.46 -23.87 12.74
CA GLY B 196 14.83 -24.33 12.85
C GLY B 196 15.65 -23.89 11.65
N ASN B 197 15.08 -24.00 10.45
CA ASN B 197 15.74 -23.59 9.21
C ASN B 197 15.99 -22.08 9.24
N PHE B 198 15.08 -21.32 9.84
CA PHE B 198 15.23 -19.87 9.95
C PHE B 198 16.40 -19.55 10.88
N LEU B 199 16.34 -20.10 12.09
CA LEU B 199 17.40 -19.87 13.07
C LEU B 199 18.74 -20.22 12.45
N ASN B 200 18.75 -21.27 11.64
CA ASN B 200 19.96 -21.72 10.97
C ASN B 200 20.43 -20.67 9.95
N MET B 201 19.53 -20.24 9.06
CA MET B 201 19.88 -19.25 8.05
C MET B 201 20.28 -17.92 8.71
N MET B 202 19.83 -17.72 9.94
CA MET B 202 20.17 -16.52 10.70
C MET B 202 21.56 -16.64 11.33
N PHE B 203 21.80 -17.77 12.01
CA PHE B 203 23.06 -18.00 12.73
C PHE B 203 24.10 -18.98 12.21
N SER B 204 23.81 -19.69 11.12
CA SER B 204 24.77 -20.64 10.54
C SER B 204 25.97 -19.88 9.96
N THR B 205 27.07 -20.61 9.80
CA THR B 205 28.31 -20.07 9.26
C THR B 205 29.09 -21.27 8.75
N PRO B 206 29.82 -21.12 7.63
CA PRO B 206 30.62 -22.20 7.03
C PRO B 206 31.79 -22.69 7.92
N CYS B 207 31.99 -22.01 9.06
CA CYS B 207 33.08 -22.33 9.98
C CYS B 207 32.85 -23.55 10.86
N GLU B 208 31.60 -24.00 10.95
CA GLU B 208 31.22 -25.16 11.74
C GLU B 208 29.71 -25.39 11.63
N PRO B 209 29.24 -26.62 11.87
CA PRO B 209 27.79 -26.88 11.78
C PRO B 209 27.09 -26.21 12.96
N TYR B 210 25.91 -25.64 12.71
CA TYR B 210 25.14 -24.97 13.75
C TYR B 210 24.20 -25.94 14.46
N GLU B 211 24.05 -25.76 15.77
CA GLU B 211 23.20 -26.62 16.57
C GLU B 211 21.93 -25.89 17.00
N VAL B 212 20.80 -26.27 16.41
CA VAL B 212 19.50 -25.67 16.70
C VAL B 212 18.93 -26.18 18.04
N ASN B 213 18.93 -25.32 19.06
CA ASN B 213 18.41 -25.69 20.38
C ASN B 213 16.88 -25.82 20.30
N PRO B 214 16.34 -26.97 20.75
CA PRO B 214 14.90 -27.28 20.75
C PRO B 214 14.01 -26.22 21.42
N ILE B 215 14.50 -25.64 22.51
CA ILE B 215 13.76 -24.61 23.26
C ILE B 215 13.75 -23.28 22.53
N LEU B 216 14.82 -22.99 21.79
CA LEU B 216 14.90 -21.77 21.01
C LEU B 216 14.04 -21.92 19.75
N GLU B 217 14.13 -23.09 19.11
CA GLU B 217 13.36 -23.39 17.90
C GLU B 217 11.87 -23.30 18.18
N ARG B 218 11.45 -23.86 19.31
CA ARG B 218 10.06 -23.84 19.74
C ARG B 218 9.63 -22.43 20.12
N ALA B 219 10.54 -21.68 20.73
CA ALA B 219 10.27 -20.31 21.13
C ALA B 219 10.00 -19.46 19.88
N MET B 220 10.89 -19.59 18.89
CA MET B 220 10.78 -18.86 17.62
C MET B 220 9.45 -19.13 16.95
N ASP B 221 9.17 -20.42 16.71
CA ASP B 221 7.93 -20.83 16.07
C ASP B 221 6.70 -20.22 16.76
N ARG B 222 6.76 -20.06 18.09
CA ARG B 222 5.66 -19.45 18.83
C ARG B 222 5.54 -17.95 18.58
N ILE B 223 6.69 -17.29 18.37
CA ILE B 223 6.70 -15.86 18.08
C ILE B 223 5.96 -15.68 16.76
N LEU B 224 6.19 -16.62 15.84
CA LEU B 224 5.56 -16.61 14.53
C LEU B 224 4.05 -16.79 14.62
N ILE B 225 3.61 -17.80 15.38
CA ILE B 225 2.19 -18.07 15.58
C ILE B 225 1.49 -16.84 16.16
N LEU B 226 2.06 -16.32 17.24
CA LEU B 226 1.51 -15.16 17.93
C LEU B 226 1.51 -13.87 17.09
N HIS B 227 2.20 -13.90 15.95
CA HIS B 227 2.25 -12.75 15.05
C HIS B 227 1.64 -13.06 13.69
N ALA B 228 1.05 -14.25 13.54
CA ALA B 228 0.45 -14.67 12.27
C ALA B 228 -0.67 -13.78 11.75
N ASP B 229 -1.49 -13.26 12.65
CA ASP B 229 -2.59 -12.39 12.24
C ASP B 229 -3.13 -11.55 13.38
N HIS B 230 -3.80 -10.46 13.02
CA HIS B 230 -4.40 -9.59 14.02
C HIS B 230 -5.60 -8.80 13.50
N GLU B 231 -6.42 -9.47 12.68
CA GLU B 231 -7.64 -8.87 12.15
C GLU B 231 -7.43 -7.55 11.36
N GLN B 232 -8.52 -6.81 11.13
CA GLN B 232 -8.51 -5.56 10.38
C GLN B 232 -7.69 -4.37 10.90
N ASN B 233 -6.40 -4.55 11.15
CA ASN B 233 -5.61 -3.41 11.60
C ASN B 233 -5.11 -2.56 10.42
N ALA B 234 -4.31 -1.55 10.72
CA ALA B 234 -3.79 -0.65 9.69
C ALA B 234 -3.02 -1.38 8.58
N SER B 235 -2.07 -2.23 8.99
CA SER B 235 -1.26 -2.99 8.03
C SER B 235 -2.10 -3.94 7.15
N THR B 236 -3.00 -4.69 7.77
CA THR B 236 -3.86 -5.61 7.01
C THR B 236 -4.76 -4.84 6.05
N SER B 237 -5.28 -3.69 6.49
CA SER B 237 -6.14 -2.85 5.66
C SER B 237 -5.37 -2.32 4.45
N THR B 238 -4.08 -2.10 4.62
CA THR B 238 -3.23 -1.63 3.52
C THR B 238 -3.09 -2.74 2.46
N VAL B 239 -3.10 -4.00 2.90
CA VAL B 239 -2.99 -5.14 2.00
C VAL B 239 -4.30 -5.29 1.22
N ARG B 240 -5.42 -5.09 1.93
CA ARG B 240 -6.74 -5.21 1.32
C ARG B 240 -7.04 -4.06 0.35
N THR B 241 -6.70 -2.84 0.76
CA THR B 241 -6.94 -1.65 -0.07
C THR B 241 -6.10 -1.68 -1.36
N ALA B 242 -4.83 -2.06 -1.22
CA ALA B 242 -3.93 -2.14 -2.36
C ALA B 242 -4.38 -3.24 -3.32
N GLY B 243 -4.65 -4.42 -2.75
CA GLY B 243 -5.08 -5.54 -3.57
C GLY B 243 -6.45 -5.40 -4.21
N SER B 244 -7.28 -4.51 -3.67
CA SER B 244 -8.64 -4.31 -4.19
C SER B 244 -8.64 -3.72 -5.60
N SER B 245 -7.56 -3.03 -5.95
CA SER B 245 -7.41 -2.43 -7.28
C SER B 245 -6.81 -3.44 -8.27
N GLY B 246 -6.33 -4.57 -7.73
CA GLY B 246 -5.74 -5.60 -8.55
C GLY B 246 -4.23 -5.71 -8.40
N ALA B 247 -3.66 -4.97 -7.43
CA ALA B 247 -2.21 -5.00 -7.19
C ALA B 247 -1.72 -6.41 -6.90
N ASN B 248 -0.58 -6.78 -7.49
CA ASN B 248 -0.05 -8.12 -7.30
C ASN B 248 0.25 -8.41 -5.84
N PRO B 249 0.27 -9.71 -5.47
CA PRO B 249 0.52 -10.18 -4.11
C PRO B 249 1.76 -9.57 -3.46
N PHE B 250 2.89 -9.69 -4.14
CA PHE B 250 4.17 -9.18 -3.63
C PHE B 250 4.14 -7.69 -3.31
N ALA B 251 3.49 -6.91 -4.17
CA ALA B 251 3.36 -5.47 -3.96
C ALA B 251 2.48 -5.19 -2.72
N CYS B 252 1.46 -6.04 -2.50
CA CYS B 252 0.55 -5.91 -1.36
C CYS B 252 1.24 -6.30 -0.06
N ILE B 253 2.15 -7.27 -0.13
CA ILE B 253 2.91 -7.71 1.04
C ILE B 253 3.94 -6.63 1.41
N ALA B 254 4.61 -6.06 0.41
CA ALA B 254 5.59 -5.01 0.66
C ALA B 254 4.93 -3.81 1.37
N ALA B 255 3.69 -3.50 0.98
CA ALA B 255 2.95 -2.41 1.56
C ALA B 255 2.51 -2.75 3.00
N GLY B 256 2.25 -4.03 3.25
CA GLY B 256 1.86 -4.46 4.59
C GLY B 256 3.05 -4.31 5.51
N ILE B 257 4.23 -4.66 5.01
CA ILE B 257 5.46 -4.55 5.78
C ILE B 257 5.72 -3.07 6.12
N ALA B 258 5.66 -2.22 5.09
CA ALA B 258 5.88 -0.79 5.25
C ALA B 258 4.93 -0.17 6.28
N SER B 259 3.68 -0.65 6.30
CA SER B 259 2.67 -0.17 7.23
C SER B 259 2.96 -0.65 8.65
N LEU B 260 3.39 -1.90 8.78
CA LEU B 260 3.73 -2.49 10.09
C LEU B 260 5.02 -1.86 10.59
N TRP B 261 5.83 -1.34 9.66
CA TRP B 261 7.10 -0.70 9.94
C TRP B 261 6.84 0.73 10.42
N GLY B 262 5.95 1.40 9.68
CA GLY B 262 5.56 2.78 9.92
C GLY B 262 5.71 3.51 11.25
N PRO B 263 4.94 3.14 12.29
CA PRO B 263 5.03 3.78 13.60
C PRO B 263 6.41 3.87 14.27
N ALA B 264 7.42 3.25 13.67
CA ALA B 264 8.77 3.27 14.22
C ALA B 264 9.66 4.35 13.60
N HIS B 265 9.13 5.10 12.64
CA HIS B 265 9.90 6.15 11.96
C HIS B 265 9.98 7.47 12.71
N GLY B 266 9.09 7.66 13.68
CA GLY B 266 9.10 8.88 14.46
C GLY B 266 10.42 9.20 15.15
N GLY B 267 10.77 10.48 15.21
CA GLY B 267 12.00 10.93 15.83
C GLY B 267 12.05 10.71 17.34
N ALA B 268 10.87 10.73 17.97
CA ALA B 268 10.73 10.51 19.41
C ALA B 268 10.68 9.01 19.70
N ASN B 269 10.25 8.25 18.71
CA ASN B 269 10.15 6.78 18.81
C ASN B 269 11.55 6.17 18.77
N GLU B 270 12.33 6.56 17.76
CA GLU B 270 13.69 6.06 17.58
C GLU B 270 14.61 6.52 18.71
N ALA B 271 14.32 7.71 19.25
CA ALA B 271 15.09 8.29 20.35
C ALA B 271 14.89 7.56 21.69
N ALA B 272 13.69 7.01 21.89
CA ALA B 272 13.37 6.27 23.11
C ALA B 272 13.86 4.82 22.99
N LEU B 273 13.73 4.25 21.79
CA LEU B 273 14.18 2.89 21.51
C LEU B 273 15.70 2.89 21.65
N LYS B 274 16.29 4.07 21.47
CA LYS B 274 17.71 4.29 21.58
C LYS B 274 18.10 3.89 23.00
N MET B 275 17.51 4.59 23.97
CA MET B 275 17.78 4.33 25.37
C MET B 275 17.41 2.91 25.81
N LEU B 276 16.38 2.34 25.20
CA LEU B 276 15.97 0.98 25.55
C LEU B 276 17.07 -0.01 25.15
N GLU B 277 17.68 0.23 23.99
CA GLU B 277 18.74 -0.60 23.45
C GLU B 277 20.12 -0.30 24.06
N GLU B 278 20.73 0.79 23.59
CA GLU B 278 22.06 1.27 24.03
C GLU B 278 22.27 1.40 25.54
N ILE B 279 21.30 0.98 26.33
CA ILE B 279 21.38 1.10 27.79
C ILE B 279 21.06 -0.25 28.46
N SER B 280 21.95 -0.68 29.36
CA SER B 280 21.76 -1.95 30.06
C SER B 280 22.13 -1.99 31.54
N SER B 281 21.14 -1.78 32.41
CA SER B 281 21.31 -1.82 33.86
C SER B 281 20.02 -1.42 34.55
N VAL B 282 19.71 -2.06 35.68
CA VAL B 282 18.49 -1.75 36.42
C VAL B 282 18.50 -0.33 36.99
N LYS B 283 19.68 0.29 36.99
CA LYS B 283 19.85 1.67 37.47
C LYS B 283 19.87 2.59 36.24
N HIS B 284 20.04 1.96 35.08
CA HIS B 284 20.13 2.67 33.81
C HIS B 284 18.78 2.97 33.17
N ILE B 285 18.06 1.94 32.77
CA ILE B 285 16.77 2.14 32.11
C ILE B 285 15.60 2.25 33.11
N PRO B 286 15.27 1.12 33.79
CA PRO B 286 14.18 1.13 34.76
C PRO B 286 14.42 1.97 36.01
N GLU B 287 15.26 3.00 35.89
CA GLU B 287 15.53 3.86 37.02
C GLU B 287 15.59 5.35 36.64
N PHE B 288 14.41 5.93 36.47
CA PHE B 288 14.19 7.35 36.14
C PHE B 288 15.07 7.92 35.04
N PHE B 289 15.32 7.12 33.99
CA PHE B 289 16.16 7.59 32.90
C PHE B 289 15.35 7.41 31.63
N ARG B 290 14.94 6.18 31.36
CA ARG B 290 14.12 5.89 30.19
C ARG B 290 12.68 5.99 30.65
N ARG B 291 12.49 5.84 31.96
CA ARG B 291 11.17 5.93 32.56
C ARG B 291 10.72 7.38 32.63
N ALA B 292 11.66 8.28 32.93
CA ALA B 292 11.39 9.70 33.01
C ALA B 292 11.37 10.30 31.59
N LYS B 293 12.13 9.69 30.69
CA LYS B 293 12.21 10.13 29.29
C LYS B 293 11.19 9.39 28.41
N ASP B 294 9.92 9.57 28.72
CA ASP B 294 8.79 8.98 27.99
C ASP B 294 7.93 10.17 27.53
N LYS B 295 8.12 10.71 26.32
CA LYS B 295 7.26 11.87 26.02
C LYS B 295 5.97 11.84 25.17
N ASN B 296 5.96 11.65 23.84
CA ASN B 296 4.62 11.65 23.23
C ASN B 296 3.88 10.30 23.14
N ASP B 297 4.29 9.43 22.21
CA ASP B 297 3.70 8.08 22.16
C ASP B 297 4.42 7.21 23.17
N SER B 298 5.66 6.93 22.74
CA SER B 298 6.71 6.19 23.45
C SER B 298 6.35 4.89 24.22
N PHE B 299 5.43 4.05 23.73
CA PHE B 299 5.10 2.81 24.47
C PHE B 299 4.76 1.50 23.77
N ARG B 300 3.70 1.46 22.96
CA ARG B 300 3.31 0.20 22.29
C ARG B 300 4.44 -0.44 21.51
N LEU B 301 5.19 0.40 20.82
CA LEU B 301 6.32 -0.01 20.00
C LEU B 301 7.34 -0.76 20.86
N MET B 302 7.48 -0.31 22.11
CA MET B 302 8.40 -0.90 23.07
C MET B 302 7.81 -2.03 23.92
N GLY B 303 6.54 -2.35 23.69
CA GLY B 303 5.89 -3.43 24.43
C GLY B 303 4.94 -3.05 25.54
N PHE B 304 4.44 -1.82 25.53
CA PHE B 304 3.53 -1.36 26.57
C PHE B 304 2.18 -0.86 26.05
N GLY B 305 1.11 -1.55 26.44
CA GLY B 305 -0.23 -1.18 26.01
C GLY B 305 -0.54 -1.54 24.57
N HIS B 306 -1.83 -1.47 24.22
CA HIS B 306 -2.31 -1.74 22.86
C HIS B 306 -3.76 -1.25 22.73
N ARG B 307 -4.02 -0.55 21.63
CA ARG B 307 -5.33 0.01 21.34
C ARG B 307 -6.44 -1.02 21.18
N VAL B 308 -6.07 -2.24 20.81
CA VAL B 308 -7.04 -3.31 20.58
C VAL B 308 -7.60 -3.95 21.85
N TYR B 309 -6.75 -4.16 22.85
CA TYR B 309 -7.18 -4.80 24.09
C TYR B 309 -7.24 -3.85 25.27
N LYS B 310 -8.31 -4.00 26.06
CA LYS B 310 -8.52 -3.16 27.22
C LYS B 310 -7.52 -3.34 28.37
N ASN B 311 -7.46 -4.56 28.90
CA ASN B 311 -6.60 -4.86 30.05
C ASN B 311 -5.36 -5.70 29.78
N TYR B 312 -5.38 -6.50 28.72
CA TYR B 312 -4.24 -7.34 28.43
C TYR B 312 -4.24 -7.86 27.01
N ASP B 313 -3.06 -8.28 26.58
CA ASP B 313 -2.83 -8.84 25.25
C ASP B 313 -2.84 -10.36 25.42
N PRO B 314 -3.84 -11.06 24.85
CA PRO B 314 -3.91 -12.52 24.97
C PRO B 314 -2.68 -13.25 24.44
N ARG B 315 -1.97 -12.62 23.51
CA ARG B 315 -0.77 -13.18 22.90
C ARG B 315 0.42 -13.18 23.86
N ALA B 316 0.33 -12.37 24.90
CA ALA B 316 1.40 -12.26 25.88
C ALA B 316 1.45 -13.42 26.88
N THR B 317 0.31 -14.09 27.09
CA THR B 317 0.26 -15.21 28.04
C THR B 317 1.30 -16.28 27.72
N VAL B 318 1.19 -16.89 26.55
CA VAL B 318 2.14 -17.92 26.15
C VAL B 318 3.52 -17.31 25.91
N MET B 319 3.56 -16.10 25.35
CA MET B 319 4.83 -15.42 25.08
C MET B 319 5.62 -15.16 26.36
N ARG B 320 4.91 -14.96 27.47
CA ARG B 320 5.55 -14.74 28.76
C ARG B 320 6.02 -16.07 29.33
N GLU B 321 5.25 -17.14 29.07
CA GLU B 321 5.62 -18.48 29.52
C GLU B 321 6.89 -18.90 28.81
N THR B 322 6.93 -18.61 27.51
CA THR B 322 8.05 -18.96 26.64
C THR B 322 9.30 -18.16 26.98
N CYS B 323 9.10 -16.92 27.42
CA CYS B 323 10.18 -16.03 27.80
C CYS B 323 10.89 -16.64 29.02
N HIS B 324 10.11 -17.22 29.93
CA HIS B 324 10.66 -17.89 31.11
C HIS B 324 11.56 -19.05 30.66
N GLU B 325 11.01 -19.93 29.82
CA GLU B 325 11.73 -21.10 29.31
C GLU B 325 13.04 -20.77 28.59
N VAL B 326 13.01 -19.67 27.83
CA VAL B 326 14.17 -19.20 27.06
C VAL B 326 15.23 -18.60 27.98
N LEU B 327 14.81 -17.66 28.82
CA LEU B 327 15.71 -17.01 29.77
C LEU B 327 16.36 -18.07 30.67
N LYS B 328 15.57 -19.08 31.04
CA LYS B 328 16.04 -20.18 31.88
C LYS B 328 17.02 -21.09 31.14
N GLU B 329 16.70 -21.42 29.88
CA GLU B 329 17.58 -22.28 29.07
C GLU B 329 18.89 -21.62 28.69
N LEU B 330 18.83 -20.39 28.17
CA LEU B 330 20.03 -19.67 27.77
C LEU B 330 20.89 -19.24 28.94
N GLY B 331 20.25 -18.95 30.07
CA GLY B 331 20.93 -18.53 31.28
C GLY B 331 22.21 -17.75 31.12
N THR B 332 23.30 -18.48 30.88
CA THR B 332 24.65 -17.94 30.68
C THR B 332 24.71 -17.03 29.45
N LYS B 333 23.55 -16.81 28.83
CA LYS B 333 23.40 -15.98 27.64
C LYS B 333 22.11 -15.16 27.80
N ASP B 334 21.69 -14.96 29.05
CA ASP B 334 20.47 -14.23 29.33
C ASP B 334 20.39 -13.43 30.64
N ASP B 335 20.82 -14.04 31.75
CA ASP B 335 20.76 -13.41 33.08
C ASP B 335 21.03 -11.91 33.17
N LEU B 336 21.84 -11.39 32.24
CA LEU B 336 22.18 -9.98 32.16
C LEU B 336 21.00 -9.10 31.70
N LEU B 337 20.08 -9.74 30.96
CA LEU B 337 18.90 -9.09 30.40
C LEU B 337 17.74 -9.08 31.41
N GLU B 338 18.03 -9.60 32.61
CA GLU B 338 17.07 -9.67 33.73
C GLU B 338 16.20 -8.44 33.94
N VAL B 339 16.70 -7.25 33.57
CA VAL B 339 15.97 -5.96 33.70
C VAL B 339 14.54 -6.03 33.16
N ALA B 340 14.23 -7.12 32.48
CA ALA B 340 12.91 -7.37 31.93
C ALA B 340 11.94 -7.42 33.10
N MET B 341 12.41 -7.99 34.21
CA MET B 341 11.62 -8.12 35.44
C MET B 341 11.35 -6.75 36.04
N GLU B 342 12.35 -5.87 35.99
CA GLU B 342 12.20 -4.53 36.53
C GLU B 342 11.33 -3.66 35.61
N LEU B 343 11.38 -3.91 34.31
CA LEU B 343 10.56 -3.17 33.34
C LEU B 343 9.10 -3.62 33.53
N GLU B 344 8.92 -4.92 33.73
CA GLU B 344 7.60 -5.50 33.94
C GLU B 344 7.04 -5.05 35.30
N ASN B 345 7.92 -4.96 36.30
CA ASN B 345 7.54 -4.52 37.65
C ASN B 345 6.99 -3.10 37.59
N ILE B 346 7.63 -2.27 36.78
CA ILE B 346 7.21 -0.88 36.59
C ILE B 346 5.87 -0.77 35.85
N ALA B 347 5.73 -1.52 34.77
CA ALA B 347 4.51 -1.50 33.96
C ALA B 347 3.24 -1.95 34.72
N LEU B 348 3.45 -2.71 35.79
CA LEU B 348 2.35 -3.23 36.61
C LEU B 348 2.08 -2.43 37.88
N ASN B 349 3.12 -1.81 38.42
CA ASN B 349 2.99 -1.06 39.67
C ASN B 349 3.07 0.46 39.58
N ASP B 350 3.90 0.97 38.68
CA ASP B 350 4.05 2.41 38.49
C ASP B 350 2.68 3.00 38.15
N PRO B 351 2.27 4.07 38.86
CA PRO B 351 0.98 4.72 38.62
C PRO B 351 0.80 5.23 37.20
N TYR B 352 1.89 5.71 36.60
CA TYR B 352 1.88 6.22 35.23
C TYR B 352 1.43 5.10 34.27
N PHE B 353 1.89 3.89 34.55
CA PHE B 353 1.57 2.72 33.73
C PHE B 353 0.22 2.10 34.08
N ILE B 354 -0.18 2.19 35.34
CA ILE B 354 -1.46 1.65 35.77
C ILE B 354 -2.59 2.52 35.20
N GLU B 355 -2.42 3.82 35.33
CA GLU B 355 -3.40 4.81 34.87
C GLU B 355 -3.56 4.82 33.34
N LYS B 356 -2.44 4.80 32.64
CA LYS B 356 -2.46 4.81 31.17
C LYS B 356 -2.60 3.42 30.55
N LYS B 357 -2.90 2.41 31.37
CA LYS B 357 -3.08 1.02 30.93
C LYS B 357 -1.95 0.50 30.03
N LEU B 358 -0.72 0.84 30.39
CA LEU B 358 0.47 0.43 29.64
C LEU B 358 1.00 -0.96 30.02
N TYR B 359 0.10 -1.94 29.98
CA TYR B 359 0.43 -3.33 30.29
C TYR B 359 1.42 -3.87 29.24
N PRO B 360 2.27 -4.84 29.63
CA PRO B 360 3.22 -5.38 28.65
C PRO B 360 2.45 -6.21 27.62
N ASN B 361 2.59 -5.86 26.34
CA ASN B 361 1.91 -6.60 25.28
C ASN B 361 2.76 -7.77 24.77
N VAL B 362 2.33 -8.40 23.68
CA VAL B 362 3.07 -9.54 23.11
C VAL B 362 4.50 -9.18 22.73
N ASP B 363 4.70 -7.95 22.26
CA ASP B 363 6.01 -7.47 21.83
C ASP B 363 7.01 -7.23 22.95
N PHE B 364 6.50 -7.00 24.17
CA PHE B 364 7.39 -6.82 25.32
C PHE B 364 8.13 -8.14 25.51
N TYR B 365 7.36 -9.23 25.63
CA TYR B 365 7.91 -10.55 25.81
C TYR B 365 8.59 -11.09 24.55
N SER B 366 8.07 -10.72 23.39
CA SER B 366 8.66 -11.16 22.11
C SER B 366 10.04 -10.53 21.98
N GLY B 367 10.14 -9.25 22.35
CA GLY B 367 11.40 -8.54 22.29
C GLY B 367 12.47 -9.12 23.19
N ILE B 368 12.11 -9.41 24.43
CA ILE B 368 13.05 -9.98 25.41
C ILE B 368 13.63 -11.31 24.95
N ILE B 369 12.80 -12.14 24.30
CA ILE B 369 13.24 -13.43 23.80
C ILE B 369 14.27 -13.24 22.68
N LEU B 370 13.89 -12.46 21.66
CA LEU B 370 14.75 -12.19 20.52
C LEU B 370 16.09 -11.59 20.94
N LYS B 371 16.06 -10.64 21.87
CA LYS B 371 17.29 -10.02 22.37
C LYS B 371 18.17 -11.10 23.01
N ALA B 372 17.55 -11.97 23.81
CA ALA B 372 18.24 -13.06 24.48
C ALA B 372 18.87 -14.04 23.51
N MET B 373 18.26 -14.20 22.33
CA MET B 373 18.74 -15.10 21.29
C MET B 373 19.90 -14.48 20.50
N GLY B 374 20.21 -13.21 20.76
CA GLY B 374 21.29 -12.56 20.07
C GLY B 374 20.87 -11.89 18.77
N ILE B 375 19.59 -11.56 18.68
CA ILE B 375 19.02 -10.91 17.51
C ILE B 375 18.93 -9.40 17.79
N PRO B 376 19.33 -8.55 16.82
CA PRO B 376 19.27 -7.10 17.00
C PRO B 376 17.84 -6.57 16.83
N SER B 377 17.52 -5.47 17.51
CA SER B 377 16.19 -4.87 17.45
C SER B 377 15.70 -4.48 16.05
N SER B 378 16.63 -4.15 15.16
CA SER B 378 16.29 -3.76 13.79
C SER B 378 15.68 -4.92 12.99
N MET B 379 15.83 -6.13 13.51
CA MET B 379 15.31 -7.32 12.87
C MET B 379 14.00 -7.81 13.46
N PHE B 380 13.62 -7.29 14.63
CA PHE B 380 12.40 -7.73 15.29
C PHE B 380 11.11 -7.61 14.46
N THR B 381 10.87 -6.44 13.89
CA THR B 381 9.66 -6.26 13.08
C THR B 381 9.75 -7.03 11.77
N VAL B 382 10.98 -7.32 11.33
CA VAL B 382 11.19 -8.11 10.12
C VAL B 382 10.59 -9.49 10.37
N ILE B 383 10.90 -10.03 11.55
CA ILE B 383 10.41 -11.34 11.99
C ILE B 383 8.89 -11.31 12.24
N PHE B 384 8.38 -10.21 12.77
CA PHE B 384 6.93 -10.11 12.99
C PHE B 384 6.18 -10.03 11.66
N ALA B 385 6.77 -9.32 10.70
CA ALA B 385 6.18 -9.15 9.37
C ALA B 385 6.20 -10.45 8.59
N MET B 386 7.31 -11.17 8.72
CA MET B 386 7.51 -12.46 8.08
C MET B 386 6.43 -13.41 8.61
N ALA B 387 6.07 -13.23 9.88
CA ALA B 387 5.02 -14.03 10.53
C ALA B 387 3.64 -13.58 10.05
N ARG B 388 3.43 -12.27 10.02
CA ARG B 388 2.16 -11.68 9.60
C ARG B 388 1.81 -11.88 8.11
N THR B 389 2.80 -12.23 7.29
CA THR B 389 2.57 -12.41 5.85
C THR B 389 1.45 -13.40 5.53
N VAL B 390 1.35 -14.49 6.29
CA VAL B 390 0.31 -15.48 6.05
C VAL B 390 -1.05 -14.84 6.29
N GLY B 391 -1.11 -13.98 7.31
CA GLY B 391 -2.35 -13.28 7.63
C GLY B 391 -2.72 -12.36 6.48
N TRP B 392 -1.72 -11.74 5.88
CA TRP B 392 -1.92 -10.84 4.75
C TRP B 392 -2.45 -11.63 3.56
N ILE B 393 -1.88 -12.81 3.35
CA ILE B 393 -2.30 -13.69 2.26
C ILE B 393 -3.76 -14.12 2.44
N ALA B 394 -4.11 -14.55 3.66
CA ALA B 394 -5.47 -14.99 3.98
C ALA B 394 -6.50 -13.89 3.78
N HIS B 395 -6.22 -12.70 4.32
CA HIS B 395 -7.11 -11.54 4.18
C HIS B 395 -7.17 -11.09 2.74
N TRP B 396 -6.03 -11.14 2.05
CA TRP B 396 -5.97 -10.77 0.65
C TRP B 396 -6.74 -11.81 -0.20
N SER B 397 -6.55 -13.10 0.09
CA SER B 397 -7.24 -14.16 -0.64
C SER B 397 -8.75 -14.08 -0.42
N GLU B 398 -9.13 -13.72 0.80
CA GLU B 398 -10.54 -13.61 1.18
C GLU B 398 -11.20 -12.41 0.52
N MET B 399 -10.44 -11.32 0.41
CA MET B 399 -10.92 -10.09 -0.21
C MET B 399 -11.29 -10.39 -1.66
N HIS B 400 -10.51 -11.24 -2.33
CA HIS B 400 -10.79 -11.60 -3.71
C HIS B 400 -12.02 -12.47 -3.89
N SER B 401 -12.27 -13.38 -2.95
CA SER B 401 -13.45 -14.22 -3.03
C SER B 401 -14.70 -13.36 -2.85
N ASP B 402 -14.54 -12.20 -2.19
CA ASP B 402 -15.63 -11.25 -1.96
C ASP B 402 -15.92 -10.43 -3.22
N GLY B 403 -15.24 -10.77 -4.31
CA GLY B 403 -15.43 -10.07 -5.57
C GLY B 403 -14.50 -8.89 -5.77
N MET B 404 -13.38 -8.87 -5.04
CA MET B 404 -12.38 -7.81 -5.12
C MET B 404 -13.03 -6.42 -5.16
N LYS B 405 -13.70 -6.03 -4.06
CA LYS B 405 -14.36 -4.72 -3.96
C LYS B 405 -13.32 -3.61 -4.11
N ILE B 406 -13.35 -2.87 -5.21
CA ILE B 406 -12.36 -1.81 -5.40
C ILE B 406 -12.58 -0.64 -4.44
N ALA B 407 -11.55 -0.29 -3.68
CA ALA B 407 -11.64 0.81 -2.71
C ALA B 407 -11.82 2.15 -3.45
N ARG B 408 -13.05 2.62 -3.48
CA ARG B 408 -13.39 3.88 -4.16
C ARG B 408 -14.23 4.76 -3.21
N PRO B 409 -13.60 5.22 -2.12
CA PRO B 409 -14.32 6.06 -1.15
C PRO B 409 -14.67 7.46 -1.67
N ARG B 410 -15.62 8.08 -0.98
CA ARG B 410 -16.07 9.43 -1.29
C ARG B 410 -15.14 10.42 -0.58
N GLN B 411 -15.58 11.68 -0.52
CA GLN B 411 -14.82 12.72 0.17
C GLN B 411 -15.77 13.86 0.48
N LEU B 412 -15.36 14.70 1.43
CA LEU B 412 -16.12 15.91 1.76
C LEU B 412 -15.21 17.00 1.22
N TYR B 413 -15.62 17.58 0.10
CA TYR B 413 -14.84 18.63 -0.52
C TYR B 413 -15.12 20.00 0.09
N THR B 414 -14.11 20.59 0.72
CA THR B 414 -14.25 21.91 1.34
C THR B 414 -13.24 22.90 0.74
N GLY B 415 -12.77 22.62 -0.46
CA GLY B 415 -11.81 23.50 -1.10
C GLY B 415 -12.51 24.57 -1.89
N TYR B 416 -11.77 25.27 -2.73
CA TYR B 416 -12.34 26.33 -3.55
C TYR B 416 -13.42 25.84 -4.53
N GLU B 417 -14.42 26.68 -4.75
CA GLU B 417 -15.44 26.36 -5.73
C GLU B 417 -14.71 26.67 -7.04
N LYS B 418 -15.31 26.34 -8.17
CA LYS B 418 -14.67 26.61 -9.45
C LYS B 418 -14.25 28.08 -9.59
N ARG B 419 -13.03 28.28 -10.09
CA ARG B 419 -12.46 29.60 -10.31
C ARG B 419 -11.51 29.53 -11.52
N ASP B 420 -11.41 30.64 -12.25
CA ASP B 420 -10.55 30.68 -13.43
C ASP B 420 -9.05 30.78 -13.15
N PHE B 421 -8.26 30.08 -13.97
CA PHE B 421 -6.83 30.11 -13.82
C PHE B 421 -6.22 31.24 -14.64
N LYS B 422 -5.42 32.07 -13.97
CA LYS B 422 -4.76 33.21 -14.61
C LYS B 422 -3.41 33.49 -13.93
N SER B 423 -2.32 33.05 -14.57
CA SER B 423 -0.97 33.26 -14.02
C SER B 423 -0.13 34.08 -14.98
N ASP B 424 0.50 35.14 -14.46
CA ASP B 424 1.34 36.03 -15.26
C ASP B 424 2.83 35.71 -15.27
N ILE B 425 3.21 34.56 -14.69
CA ILE B 425 4.61 34.14 -14.66
C ILE B 425 5.06 33.64 -16.04
N LYS B 426 6.37 33.51 -16.20
CA LYS B 426 6.91 33.04 -17.46
C LYS B 426 8.19 32.19 -17.33
N ARG B 427 8.17 31.24 -16.39
CA ARG B 427 9.31 30.35 -16.23
C ARG B 427 8.85 28.91 -16.56
#